data_8YXQ
#
_entry.id   8YXQ
#
_cell.length_a   37.640
_cell.length_b   114.800
_cell.length_c   63.030
_cell.angle_alpha   90.00
_cell.angle_beta   99.43
_cell.angle_gamma   90.00
#
_symmetry.space_group_name_H-M   'P 1 21 1'
#
loop_
_entity.id
_entity.type
_entity.pdbx_description
1 polymer Oxidoreductase
2 non-polymer 'NADP NICOTINAMIDE-ADENINE-DINUCLEOTIDE PHOSPHATE'
3 non-polymer 2-AMINO-2-HYDROXYMETHYL-PROPANE-1,3-DIOL
4 non-polymer DI(HYDROXYETHYL)ETHER
5 non-polymer (4~{R})-4-methyl-1-(phenylmethyl)piperidin-3-one
6 water water
#
_entity_poly.entity_id   1
_entity_poly.type   'polypeptide(L)'
_entity_poly.pdbx_seq_one_letter_code
;MSSSNKPHVSLIGLGNMGLAIANCLIKSGCKLTVWNRSASKAASLVAQGVTVAATPAECVASSPTIVICLLSYDVTQQTL
DEVIDLSGKTIINLTNGTPQQAVKVATLVQQRGAESYIHGAIMVPPILLGQPSSVTLISGPKTAYESQKELLSSIGTTRH
VSDDIAKASLLDNALLSIMGGVFEGWVQALAIVGKAGEDEVDFAALASPFVKSMADWLPRIAGHVREKQYVGGSPLTMQL
EALENISETSRELGVGVLLGSMREVMSEAVKKGKGGESIAGLVPMLTELDKKW
;
_entity_poly.pdbx_strand_id   A,B
#
loop_
_chem_comp.id
_chem_comp.type
_chem_comp.name
_chem_comp.formula
A1D7O non-polymer (4~{R})-4-methyl-1-(phenylmethyl)piperidin-3-one 'C13 H17 N O'
NAP non-polymer 'NADP NICOTINAMIDE-ADENINE-DINUCLEOTIDE PHOSPHATE' 'C21 H28 N7 O17 P3'
PEG non-polymer DI(HYDROXYETHYL)ETHER 'C4 H10 O3'
TRS non-polymer 2-AMINO-2-HYDROXYMETHYL-PROPANE-1,3-DIOL 'C4 H12 N O3 1'
#
# COMPACT_ATOMS: atom_id res chain seq x y z
N LYS A 6 -1.22 35.91 25.81
CA LYS A 6 -1.63 34.50 26.07
C LYS A 6 -3.14 34.36 25.84
N PRO A 7 -3.57 33.91 24.64
CA PRO A 7 -4.96 33.48 24.43
C PRO A 7 -5.30 32.25 25.30
N HIS A 8 -6.55 32.15 25.77
CA HIS A 8 -7.10 30.98 26.52
C HIS A 8 -7.56 29.90 25.53
N VAL A 9 -7.07 28.68 25.69
CA VAL A 9 -7.49 27.51 24.84
C VAL A 9 -7.82 26.36 25.79
N SER A 10 -8.86 25.60 25.48
CA SER A 10 -9.20 24.35 26.18
C SER A 10 -8.91 23.16 25.25
N LEU A 11 -8.42 22.06 25.82
CA LEU A 11 -8.15 20.80 25.09
C LEU A 11 -8.87 19.65 25.77
N ILE A 12 -9.65 18.90 25.01
CA ILE A 12 -10.34 17.69 25.52
C ILE A 12 -9.69 16.49 24.88
N GLY A 13 -9.01 15.67 25.66
CA GLY A 13 -8.27 14.49 25.20
C GLY A 13 -6.78 14.63 25.32
N LEU A 14 -6.17 13.75 26.11
CA LEU A 14 -4.71 13.72 26.37
C LEU A 14 -4.17 12.34 26.10
N GLY A 15 -4.60 11.71 24.99
CA GLY A 15 -3.95 10.48 24.53
C GLY A 15 -2.62 10.79 23.84
N ASN A 16 -2.12 9.88 23.03
CA ASN A 16 -0.85 10.06 22.30
C ASN A 16 -0.91 11.38 21.53
N MET A 17 -1.97 11.59 20.76
CA MET A 17 -2.06 12.82 19.94
C MET A 17 -2.44 14.02 20.79
N GLY A 18 -3.39 13.87 21.71
CA GLY A 18 -3.82 15.01 22.54
C GLY A 18 -2.66 15.57 23.33
N LEU A 19 -1.76 14.74 23.86
CA LEU A 19 -0.60 15.28 24.62
C LEU A 19 0.36 16.00 23.66
N ALA A 20 0.55 15.50 22.45
CA ALA A 20 1.37 16.18 21.42
C ALA A 20 0.74 17.54 21.15
N ILE A 21 -0.59 17.59 20.98
CA ILE A 21 -1.25 18.91 20.75
C ILE A 21 -1.00 19.84 21.94
N ALA A 22 -1.18 19.37 23.17
CA ALA A 22 -1.02 20.18 24.40
C ALA A 22 0.37 20.84 24.41
N ASN A 23 1.40 20.07 24.08
CA ASN A 23 2.81 20.55 24.12
C ASN A 23 3.00 21.62 23.05
N CYS A 24 2.42 21.46 21.86
CA CYS A 24 2.49 22.47 20.77
C CYS A 24 1.80 23.76 21.23
N LEU A 25 0.61 23.66 21.80
CA LEU A 25 -0.17 24.84 22.25
C LEU A 25 0.59 25.59 23.37
N ILE A 26 1.22 24.87 24.29
CA ILE A 26 2.02 25.45 25.40
C ILE A 26 3.21 26.23 24.81
N LYS A 27 3.99 25.57 23.95
CA LYS A 27 5.19 26.11 23.27
C LYS A 27 4.89 27.43 22.58
N SER A 28 3.68 27.56 22.02
CA SER A 28 3.24 28.73 21.23
C SER A 28 2.72 29.85 22.12
N GLY A 29 2.57 29.62 23.42
CA GLY A 29 2.37 30.68 24.42
C GLY A 29 0.92 30.84 24.89
N CYS A 30 0.05 29.84 24.80
CA CYS A 30 -1.34 30.06 25.27
C CYS A 30 -1.53 29.56 26.72
N LYS A 31 -2.61 30.01 27.34
CA LYS A 31 -3.11 29.58 28.67
C LYS A 31 -4.01 28.38 28.46
N LEU A 32 -3.50 27.19 28.75
CA LEU A 32 -4.16 25.92 28.39
C LEU A 32 -4.89 25.33 29.59
N THR A 33 -6.14 24.96 29.36
CA THR A 33 -6.96 24.14 30.29
C THR A 33 -7.21 22.80 29.63
N VAL A 34 -7.03 21.72 30.35
CA VAL A 34 -7.19 20.36 29.76
C VAL A 34 -8.22 19.55 30.56
N TRP A 35 -8.80 18.57 29.87
CA TRP A 35 -9.57 17.48 30.50
C TRP A 35 -9.27 16.18 29.78
N ASN A 36 -9.17 15.12 30.56
CA ASN A 36 -8.97 13.75 30.06
C ASN A 36 -9.70 12.83 31.01
N ARG A 37 -10.27 11.75 30.51
CA ARG A 37 -10.91 10.72 31.37
C ARG A 37 -9.93 10.27 32.44
N SER A 38 -8.69 9.94 32.06
CA SER A 38 -7.55 9.61 32.95
C SER A 38 -6.78 10.89 33.27
N ALA A 39 -7.06 11.54 34.41
CA ALA A 39 -6.50 12.89 34.71
C ALA A 39 -4.98 12.79 34.86
N SER A 40 -4.45 11.63 35.24
CA SER A 40 -2.98 11.39 35.39
C SER A 40 -2.22 11.66 34.07
N LYS A 41 -2.88 11.63 32.90
CA LYS A 41 -2.18 11.93 31.62
C LYS A 41 -1.75 13.42 31.58
N ALA A 42 -2.28 14.27 32.45
CA ALA A 42 -1.88 15.70 32.50
C ALA A 42 -0.64 15.92 33.38
N ALA A 43 -0.08 14.90 34.02
CA ALA A 43 1.06 15.07 34.94
C ALA A 43 2.22 15.87 34.29
N SER A 44 2.60 15.55 33.06
CA SER A 44 3.75 16.20 32.35
C SER A 44 3.44 17.66 31.98
N LEU A 45 2.18 18.10 32.05
CA LEU A 45 1.73 19.45 31.64
C LEU A 45 1.66 20.38 32.86
N VAL A 46 1.40 19.83 34.05
CA VAL A 46 1.22 20.65 35.30
C VAL A 46 2.43 21.57 35.55
N ALA A 47 3.67 21.10 35.37
CA ALA A 47 4.91 21.90 35.55
C ALA A 47 4.91 23.08 34.58
N GLN A 48 4.30 22.90 33.41
CA GLN A 48 4.35 23.88 32.30
C GLN A 48 3.22 24.92 32.50
N GLY A 49 2.51 24.84 33.62
CA GLY A 49 1.50 25.85 34.03
C GLY A 49 0.11 25.57 33.48
N VAL A 50 -0.22 24.31 33.22
CA VAL A 50 -1.53 23.93 32.63
C VAL A 50 -2.53 23.69 33.77
N THR A 51 -3.78 24.15 33.59
CA THR A 51 -4.93 23.88 34.48
C THR A 51 -5.63 22.60 34.05
N VAL A 52 -5.91 21.69 35.00
CA VAL A 52 -6.71 20.45 34.78
C VAL A 52 -8.11 20.71 35.31
N ALA A 53 -9.09 20.62 34.42
CA ALA A 53 -10.50 20.87 34.75
C ALA A 53 -11.08 19.52 35.18
N ALA A 54 -12.02 19.57 36.12
CA ALA A 54 -12.57 18.36 36.75
C ALA A 54 -13.47 17.64 35.74
N THR A 55 -14.17 18.41 34.91
CA THR A 55 -15.23 17.90 34.01
C THR A 55 -15.08 18.52 32.63
N PRO A 56 -15.65 17.87 31.58
CA PRO A 56 -15.67 18.50 30.27
C PRO A 56 -16.34 19.89 30.27
N ALA A 57 -17.41 20.08 31.03
CA ALA A 57 -18.14 21.37 31.13
C ALA A 57 -17.22 22.46 31.69
N GLU A 58 -16.54 22.16 32.79
CA GLU A 58 -15.58 23.10 33.43
C GLU A 58 -14.48 23.44 32.42
N CYS A 59 -14.03 22.45 31.64
CA CYS A 59 -12.94 22.66 30.66
C CYS A 59 -13.43 23.66 29.59
N VAL A 60 -14.64 23.46 29.05
CA VAL A 60 -15.17 24.32 27.96
C VAL A 60 -15.46 25.74 28.48
N ALA A 61 -15.92 25.88 29.73
CA ALA A 61 -16.23 27.19 30.35
C ALA A 61 -14.97 28.06 30.45
N SER A 62 -13.77 27.46 30.48
CA SER A 62 -12.50 28.18 30.78
C SER A 62 -11.94 28.93 29.56
N SER A 63 -12.40 28.68 28.33
CA SER A 63 -11.74 29.25 27.12
C SER A 63 -12.74 29.54 26.01
N PRO A 64 -12.49 30.53 25.12
CA PRO A 64 -13.34 30.72 23.94
C PRO A 64 -13.05 29.73 22.79
N THR A 65 -11.92 29.02 22.82
CA THR A 65 -11.48 28.11 21.74
C THR A 65 -11.31 26.72 22.35
N ILE A 66 -12.03 25.74 21.81
CA ILE A 66 -12.05 24.34 22.34
C ILE A 66 -11.43 23.41 21.29
N VAL A 67 -10.33 22.74 21.61
CA VAL A 67 -9.74 21.71 20.72
C VAL A 67 -10.14 20.34 21.25
N ILE A 68 -10.59 19.45 20.39
CA ILE A 68 -11.02 18.08 20.80
C ILE A 68 -10.14 17.10 20.05
N CYS A 69 -9.53 16.16 20.76
CA CYS A 69 -8.76 15.08 20.14
C CYS A 69 -9.01 13.81 20.92
N LEU A 70 -10.16 13.21 20.68
CA LEU A 70 -10.56 11.96 21.38
C LEU A 70 -10.44 10.77 20.43
N LEU A 71 -10.69 9.56 20.93
CA LEU A 71 -10.53 8.33 20.10
C LEU A 71 -11.49 8.34 18.90
N SER A 72 -12.74 8.73 19.09
CA SER A 72 -13.83 8.46 18.11
C SER A 72 -14.99 9.42 18.32
N TYR A 73 -15.86 9.48 17.34
CA TYR A 73 -17.16 10.17 17.43
C TYR A 73 -17.94 9.70 18.67
N ASP A 74 -18.08 8.41 18.89
CA ASP A 74 -18.92 7.92 20.01
C ASP A 74 -18.39 8.49 21.33
N VAL A 75 -17.06 8.45 21.53
CA VAL A 75 -16.42 9.01 22.76
C VAL A 75 -16.69 10.53 22.80
N THR A 76 -16.63 11.21 21.65
CA THR A 76 -16.85 12.68 21.58
C THR A 76 -18.29 12.99 22.04
N GLN A 77 -19.29 12.29 21.52
CA GLN A 77 -20.71 12.57 21.91
C GLN A 77 -20.90 12.25 23.41
N GLN A 78 -20.30 11.18 23.92
CA GLN A 78 -20.34 10.81 25.37
C GLN A 78 -19.75 11.97 26.18
N THR A 79 -18.64 12.55 25.71
CA THR A 79 -17.87 13.56 26.49
C THR A 79 -18.61 14.91 26.49
N LEU A 80 -19.31 15.23 25.39
CA LEU A 80 -20.01 16.51 25.20
C LEU A 80 -21.44 16.46 25.74
N ASP A 81 -21.88 15.29 26.25
CA ASP A 81 -23.27 15.01 26.69
C ASP A 81 -23.76 16.13 27.62
N GLU A 82 -23.02 16.40 28.71
CA GLU A 82 -23.44 17.40 29.72
C GLU A 82 -22.76 18.77 29.49
N VAL A 83 -22.15 19.00 28.33
CA VAL A 83 -21.61 20.34 28.00
C VAL A 83 -22.76 21.10 27.33
N ILE A 84 -23.44 21.97 28.09
CA ILE A 84 -24.78 22.52 27.73
C ILE A 84 -24.66 23.89 27.04
N ASP A 85 -23.63 24.68 27.36
CA ASP A 85 -23.51 26.07 26.86
C ASP A 85 -22.19 26.29 26.12
N LEU A 86 -22.24 26.39 24.78
CA LEU A 86 -21.07 26.66 23.93
C LEU A 86 -21.19 28.03 23.29
N SER A 87 -22.03 28.89 23.88
CA SER A 87 -22.21 30.28 23.43
C SER A 87 -20.85 30.98 23.38
N GLY A 88 -20.53 31.63 22.27
CA GLY A 88 -19.27 32.39 22.04
C GLY A 88 -18.02 31.50 21.89
N LYS A 89 -18.19 30.19 21.73
CA LYS A 89 -17.05 29.23 21.66
C LYS A 89 -16.85 28.77 20.21
N THR A 90 -15.61 28.61 19.81
CA THR A 90 -15.23 27.97 18.53
C THR A 90 -14.70 26.57 18.82
N ILE A 91 -15.20 25.58 18.09
CA ILE A 91 -14.81 24.16 18.28
C ILE A 91 -13.88 23.77 17.13
N ILE A 92 -12.69 23.25 17.47
CA ILE A 92 -11.72 22.67 16.50
C ILE A 92 -11.65 21.17 16.78
N ASN A 93 -12.32 20.36 15.97
CA ASN A 93 -12.39 18.92 16.24
C ASN A 93 -11.33 18.17 15.44
N LEU A 94 -10.35 17.56 16.11
CA LEU A 94 -9.23 16.86 15.45
C LEU A 94 -9.39 15.36 15.65
N THR A 95 -10.59 14.92 16.00
CA THR A 95 -10.94 13.49 16.18
C THR A 95 -11.25 12.81 14.85
N ASN A 96 -10.60 11.69 14.54
CA ASN A 96 -10.87 10.89 13.32
C ASN A 96 -12.33 10.40 13.34
N GLY A 97 -13.00 10.50 12.21
CA GLY A 97 -14.32 9.87 12.04
C GLY A 97 -14.77 10.00 10.61
N THR A 98 -16.05 9.72 10.39
CA THR A 98 -16.66 9.69 9.04
C THR A 98 -17.15 11.08 8.72
N PRO A 99 -17.36 11.39 7.42
CA PRO A 99 -17.97 12.65 7.03
C PRO A 99 -19.27 12.90 7.82
N GLN A 100 -20.19 11.94 7.93
CA GLN A 100 -21.47 12.23 8.64
C GLN A 100 -21.21 12.47 10.14
N GLN A 101 -20.21 11.84 10.74
CA GLN A 101 -19.87 12.07 12.17
C GLN A 101 -19.40 13.51 12.38
N ALA A 102 -18.68 14.12 11.44
CA ALA A 102 -18.30 15.55 11.51
C ALA A 102 -19.59 16.39 11.50
N VAL A 103 -20.51 16.09 10.60
CA VAL A 103 -21.81 16.82 10.54
C VAL A 103 -22.56 16.61 11.86
N LYS A 104 -22.54 15.44 12.45
CA LYS A 104 -23.26 15.20 13.71
C LYS A 104 -22.63 16.03 14.84
N VAL A 105 -21.30 16.13 14.93
CA VAL A 105 -20.72 16.92 16.05
C VAL A 105 -20.98 18.40 15.80
N ALA A 106 -20.84 18.86 14.57
CA ALA A 106 -21.11 20.27 14.20
C ALA A 106 -22.54 20.62 14.64
N THR A 107 -23.49 19.71 14.41
CA THR A 107 -24.91 20.00 14.73
C THR A 107 -25.09 20.03 16.25
N LEU A 108 -24.52 19.07 16.97
CA LEU A 108 -24.57 19.02 18.46
C LEU A 108 -24.06 20.35 19.01
N VAL A 109 -22.92 20.86 18.54
CA VAL A 109 -22.30 22.08 19.14
C VAL A 109 -23.09 23.32 18.71
N GLN A 110 -23.62 23.39 17.48
CA GLN A 110 -24.47 24.52 17.01
C GLN A 110 -25.74 24.58 17.88
N GLN A 111 -26.33 23.44 18.21
CA GLN A 111 -27.56 23.36 19.03
C GLN A 111 -27.31 23.93 20.43
N ARG A 112 -26.06 23.88 20.90
CA ARG A 112 -25.64 24.31 22.26
C ARG A 112 -25.03 25.72 22.21
N GLY A 113 -25.11 26.40 21.07
CA GLY A 113 -24.79 27.84 20.95
C GLY A 113 -23.40 28.13 20.40
N ALA A 114 -22.66 27.13 19.93
CA ALA A 114 -21.27 27.36 19.44
C ALA A 114 -21.27 28.42 18.35
N GLU A 115 -20.25 29.30 18.33
CA GLU A 115 -20.05 30.31 17.27
C GLU A 115 -19.65 29.62 15.95
N SER A 116 -18.83 28.56 15.99
CA SER A 116 -18.24 27.98 14.76
C SER A 116 -17.62 26.63 15.07
N TYR A 117 -17.62 25.78 14.04
CA TYR A 117 -17.02 24.43 14.06
C TYR A 117 -16.11 24.28 12.85
N ILE A 118 -14.86 23.84 13.09
CA ILE A 118 -13.98 23.36 12.01
C ILE A 118 -13.47 21.97 12.37
N HIS A 119 -13.21 21.15 11.34
CA HIS A 119 -12.76 19.75 11.54
C HIS A 119 -11.37 19.68 10.96
N GLY A 120 -10.49 18.93 11.61
CA GLY A 120 -9.13 18.71 11.12
C GLY A 120 -8.74 17.25 11.19
N ALA A 121 -7.90 16.83 10.26
CA ALA A 121 -7.31 15.49 10.22
C ALA A 121 -5.80 15.69 10.25
N ILE A 122 -5.22 15.27 11.36
CA ILE A 122 -3.74 15.22 11.52
C ILE A 122 -3.21 14.01 10.77
N MET A 123 -2.25 14.22 9.88
CA MET A 123 -1.78 13.18 8.94
C MET A 123 -0.35 12.74 9.29
N VAL A 124 0.09 12.95 10.52
CA VAL A 124 1.44 12.50 11.01
C VAL A 124 1.29 11.88 12.39
N PRO A 125 2.23 11.04 12.83
CA PRO A 125 2.26 10.56 14.20
C PRO A 125 2.64 11.68 15.17
N PRO A 126 2.32 11.56 16.48
CA PRO A 126 2.51 12.64 17.43
C PRO A 126 3.89 13.32 17.43
N ILE A 127 4.94 12.53 17.24
CA ILE A 127 6.34 13.00 17.34
C ILE A 127 6.63 14.03 16.25
N LEU A 128 5.90 14.02 15.13
CA LEU A 128 6.11 14.97 14.01
C LEU A 128 5.20 16.20 14.16
N LEU A 129 4.23 16.19 15.08
CA LEU A 129 3.30 17.33 15.23
C LEU A 129 4.07 18.61 15.54
N GLY A 130 3.76 19.68 14.83
CA GLY A 130 4.48 20.97 14.96
C GLY A 130 5.78 21.05 14.17
N GLN A 131 6.36 19.92 13.74
CA GLN A 131 7.70 19.87 13.07
C GLN A 131 7.49 20.19 11.60
N PRO A 132 8.55 20.43 10.79
CA PRO A 132 8.37 20.82 9.38
C PRO A 132 7.65 19.76 8.52
N SER A 133 7.75 18.47 8.91
CA SER A 133 7.11 17.32 8.20
C SER A 133 5.61 17.23 8.47
N SER A 134 5.07 18.06 9.38
CA SER A 134 3.67 17.94 9.88
C SER A 134 2.68 18.56 8.87
N VAL A 135 1.59 17.86 8.54
CA VAL A 135 0.46 18.42 7.75
C VAL A 135 -0.86 18.07 8.48
N THR A 136 -1.76 19.04 8.62
CA THR A 136 -3.14 18.85 9.13
C THR A 136 -4.13 19.39 8.09
N LEU A 137 -5.08 18.56 7.67
CA LEU A 137 -6.14 18.98 6.72
C LEU A 137 -7.28 19.61 7.51
N ILE A 138 -7.78 20.79 7.11
CA ILE A 138 -8.86 21.51 7.82
C ILE A 138 -10.02 21.73 6.86
N SER A 139 -11.24 21.54 7.33
CA SER A 139 -12.47 21.88 6.56
C SER A 139 -13.48 22.60 7.45
N GLY A 140 -14.28 23.47 6.81
CA GLY A 140 -15.20 24.36 7.49
C GLY A 140 -15.08 25.77 6.90
N PRO A 141 -15.95 26.69 7.35
CA PRO A 141 -16.03 28.03 6.77
C PRO A 141 -14.65 28.71 6.76
N LYS A 142 -14.29 29.32 5.62
CA LYS A 142 -13.01 30.03 5.40
C LYS A 142 -12.80 31.10 6.48
N THR A 143 -13.83 31.86 6.86
CA THR A 143 -13.65 32.92 7.88
C THR A 143 -13.23 32.27 9.22
N ALA A 144 -13.81 31.12 9.58
CA ALA A 144 -13.50 30.41 10.84
C ALA A 144 -12.07 29.85 10.76
N TYR A 145 -11.72 29.19 9.66
CA TYR A 145 -10.32 28.76 9.43
C TYR A 145 -9.39 29.97 9.62
N GLU A 146 -9.72 31.09 8.98
CA GLU A 146 -8.82 32.27 8.97
C GLU A 146 -8.65 32.77 10.40
N SER A 147 -9.74 32.76 11.17
CA SER A 147 -9.78 33.14 12.60
C SER A 147 -8.81 32.28 13.43
N GLN A 148 -8.66 31.00 13.08
CA GLN A 148 -7.93 30.01 13.91
C GLN A 148 -6.53 29.73 13.34
N LYS A 149 -6.19 30.32 12.18
CA LYS A 149 -5.00 29.89 11.42
C LYS A 149 -3.74 30.07 12.29
N GLU A 150 -3.66 31.16 13.04
CA GLU A 150 -2.49 31.51 13.88
C GLU A 150 -2.34 30.51 15.04
N LEU A 151 -3.38 30.27 15.82
CA LEU A 151 -3.37 29.17 16.82
C LEU A 151 -2.91 27.86 16.18
N LEU A 152 -3.53 27.48 15.06
CA LEU A 152 -3.30 26.17 14.39
C LEU A 152 -1.85 26.05 13.89
N SER A 153 -1.16 27.17 13.65
CA SER A 153 0.24 27.13 13.18
C SER A 153 1.08 26.44 14.26
N SER A 154 0.62 26.42 15.52
CA SER A 154 1.37 25.75 16.62
C SER A 154 1.58 24.27 16.28
N ILE A 155 0.71 23.66 15.47
CA ILE A 155 0.77 22.18 15.22
C ILE A 155 1.37 21.90 13.83
N GLY A 156 1.81 22.93 13.13
CA GLY A 156 2.55 22.78 11.87
C GLY A 156 1.76 23.41 10.75
N THR A 157 1.94 22.90 9.53
CA THR A 157 1.25 23.43 8.34
C THR A 157 -0.19 22.93 8.37
N THR A 158 -1.15 23.82 8.14
CA THR A 158 -2.57 23.47 7.91
C THR A 158 -2.89 23.71 6.44
N ARG A 159 -3.76 22.86 5.91
CA ARG A 159 -4.23 22.96 4.52
C ARG A 159 -5.74 23.08 4.59
N HIS A 160 -6.28 24.22 4.19
CA HIS A 160 -7.75 24.38 4.14
C HIS A 160 -8.27 23.68 2.88
N VAL A 161 -8.92 22.52 3.02
CA VAL A 161 -9.28 21.68 1.83
C VAL A 161 -10.70 21.97 1.33
N SER A 162 -11.60 22.55 2.13
CA SER A 162 -13.01 22.79 1.75
C SER A 162 -13.74 23.65 2.76
N ASP A 163 -14.79 24.37 2.34
CA ASP A 163 -15.67 25.10 3.27
C ASP A 163 -16.66 24.11 3.88
N ASP A 164 -16.83 22.95 3.23
CA ASP A 164 -17.75 21.88 3.71
C ASP A 164 -17.09 21.23 4.93
N ILE A 165 -17.76 21.28 6.08
CA ILE A 165 -17.27 20.71 7.38
C ILE A 165 -16.84 19.25 7.21
N ALA A 166 -17.54 18.47 6.39
CA ALA A 166 -17.32 17.00 6.27
C ALA A 166 -16.11 16.65 5.38
N LYS A 167 -15.44 17.59 4.71
CA LYS A 167 -14.51 17.20 3.63
C LYS A 167 -13.16 16.75 4.20
N ALA A 168 -12.70 17.30 5.32
CA ALA A 168 -11.41 16.87 5.91
C ALA A 168 -11.54 15.38 6.27
N SER A 169 -12.67 14.96 6.79
CA SER A 169 -12.91 13.56 7.19
C SER A 169 -13.02 12.68 5.95
N LEU A 170 -13.73 13.13 4.92
CA LEU A 170 -13.73 12.38 3.63
C LEU A 170 -12.30 12.12 3.18
N LEU A 171 -11.49 13.17 3.05
CA LEU A 171 -10.13 13.02 2.51
C LEU A 171 -9.28 12.20 3.48
N ASP A 172 -9.44 12.41 4.79
CA ASP A 172 -8.74 11.62 5.85
C ASP A 172 -9.02 10.14 5.58
N ASN A 173 -10.29 9.76 5.47
CA ASN A 173 -10.67 8.34 5.31
C ASN A 173 -10.08 7.77 3.99
N ALA A 174 -10.09 8.54 2.89
CA ALA A 174 -9.43 8.11 1.62
C ALA A 174 -7.91 7.93 1.82
N LEU A 175 -7.22 8.91 2.41
CA LEU A 175 -5.75 8.80 2.64
C LEU A 175 -5.43 7.64 3.60
N LEU A 176 -6.24 7.44 4.65
CA LEU A 176 -5.97 6.34 5.61
C LEU A 176 -6.27 5.00 4.96
N SER A 177 -7.12 4.94 3.93
CA SER A 177 -7.29 3.70 3.13
C SER A 177 -5.96 3.35 2.48
N ILE A 178 -5.28 4.35 1.91
CA ILE A 178 -3.97 4.12 1.23
C ILE A 178 -2.96 3.66 2.29
N MET A 179 -2.94 4.33 3.44
CA MET A 179 -2.03 3.98 4.55
C MET A 179 -2.30 2.55 5.02
N GLY A 180 -3.55 2.19 5.24
CA GLY A 180 -3.94 0.83 5.66
C GLY A 180 -3.42 -0.22 4.69
N GLY A 181 -3.58 0.03 3.40
CA GLY A 181 -3.15 -0.89 2.34
C GLY A 181 -1.64 -1.02 2.26
N VAL A 182 -0.93 0.11 2.36
CA VAL A 182 0.56 0.16 2.32
C VAL A 182 1.08 -0.66 3.50
N PHE A 183 0.50 -0.48 4.69
CA PHE A 183 0.96 -1.18 5.92
C PHE A 183 0.60 -2.66 5.87
N GLU A 184 -0.56 -3.02 5.33
CA GLU A 184 -0.99 -4.41 5.16
C GLU A 184 0.05 -5.12 4.28
N GLY A 185 0.42 -4.51 3.14
CA GLY A 185 1.41 -5.09 2.21
C GLY A 185 2.80 -5.17 2.83
N TRP A 186 3.18 -4.14 3.58
CA TRP A 186 4.50 -4.03 4.23
C TRP A 186 4.64 -5.08 5.34
N VAL A 187 3.63 -5.26 6.19
CA VAL A 187 3.65 -6.29 7.26
C VAL A 187 3.78 -7.67 6.62
N GLN A 188 3.06 -7.90 5.53
CA GLN A 188 3.10 -9.21 4.81
C GLN A 188 4.53 -9.40 4.28
N ALA A 189 5.12 -8.37 3.67
CA ALA A 189 6.47 -8.40 3.07
C ALA A 189 7.52 -8.73 4.14
N LEU A 190 7.51 -7.98 5.25
CA LEU A 190 8.54 -8.15 6.30
C LEU A 190 8.39 -9.52 6.98
N ALA A 191 7.19 -10.04 7.10
CA ALA A 191 6.93 -11.39 7.66
C ALA A 191 7.60 -12.46 6.78
N ILE A 192 7.38 -12.35 5.48
CA ILE A 192 7.98 -13.30 4.50
C ILE A 192 9.50 -13.23 4.61
N VAL A 193 10.09 -12.04 4.44
CA VAL A 193 11.56 -11.91 4.33
C VAL A 193 12.19 -12.28 5.68
N GLY A 194 11.58 -11.88 6.81
CA GLY A 194 12.09 -12.21 8.14
C GLY A 194 12.08 -13.70 8.40
N LYS A 195 10.97 -14.38 8.13
CA LYS A 195 10.88 -15.84 8.39
C LYS A 195 11.88 -16.55 7.48
N ALA A 196 12.14 -16.02 6.28
CA ALA A 196 13.06 -16.63 5.29
C ALA A 196 14.52 -16.41 5.71
N GLY A 197 14.75 -15.62 6.76
CA GLY A 197 16.11 -15.44 7.32
C GLY A 197 16.80 -14.22 6.75
N GLU A 198 16.09 -13.38 5.97
CA GLU A 198 16.70 -12.13 5.42
C GLU A 198 16.62 -10.99 6.46
N ASP A 199 17.44 -9.98 6.24
CA ASP A 199 17.51 -8.76 7.07
C ASP A 199 16.44 -7.77 6.60
N GLU A 200 15.54 -7.38 7.49
CA GLU A 200 14.39 -6.48 7.17
C GLU A 200 14.90 -5.11 6.73
N VAL A 201 15.98 -4.63 7.31
CA VAL A 201 16.50 -3.26 7.04
C VAL A 201 17.15 -3.24 5.64
N ASP A 202 17.91 -4.29 5.30
CA ASP A 202 18.47 -4.47 3.93
C ASP A 202 17.32 -4.62 2.94
N PHE A 203 16.29 -5.39 3.29
CA PHE A 203 15.09 -5.51 2.43
C PHE A 203 14.47 -4.11 2.19
N ALA A 204 14.36 -3.27 3.22
CA ALA A 204 13.75 -1.92 3.13
C ALA A 204 14.54 -1.05 2.15
N ALA A 205 15.87 -1.15 2.15
CA ALA A 205 16.76 -0.40 1.23
C ALA A 205 16.47 -0.84 -0.20
N LEU A 206 16.41 -2.16 -0.41
CA LEU A 206 16.18 -2.74 -1.75
C LEU A 206 14.82 -2.26 -2.24
N ALA A 207 13.83 -2.21 -1.35
CA ALA A 207 12.41 -1.97 -1.66
C ALA A 207 12.14 -0.51 -2.03
N SER A 208 12.83 0.44 -1.41
CA SER A 208 12.35 1.85 -1.36
C SER A 208 12.31 2.42 -2.77
N PRO A 209 13.29 2.20 -3.66
CA PRO A 209 13.10 2.59 -5.06
C PRO A 209 11.75 2.09 -5.60
N PHE A 210 11.50 0.78 -5.53
CA PHE A 210 10.28 0.11 -6.08
C PHE A 210 9.02 0.76 -5.50
N VAL A 211 9.03 1.19 -4.24
CA VAL A 211 7.83 1.77 -3.59
C VAL A 211 7.58 3.19 -4.13
N LYS A 212 8.64 3.95 -4.37
CA LYS A 212 8.49 5.34 -4.89
C LYS A 212 8.06 5.26 -6.36
N SER A 213 8.52 4.27 -7.12
CA SER A 213 7.99 3.97 -8.48
C SER A 213 6.48 3.70 -8.44
N MET A 214 6.01 2.91 -7.49
CA MET A 214 4.56 2.65 -7.37
C MET A 214 3.82 3.97 -7.19
N ALA A 215 4.29 4.82 -6.28
CA ALA A 215 3.66 6.12 -5.98
C ALA A 215 3.56 6.96 -7.26
N ASP A 216 4.55 6.85 -8.15
CA ASP A 216 4.55 7.62 -9.44
C ASP A 216 3.43 7.11 -10.36
N TRP A 217 3.00 5.84 -10.24
CA TRP A 217 1.97 5.22 -11.11
C TRP A 217 0.58 5.70 -10.67
N LEU A 218 0.42 6.22 -9.46
CA LEU A 218 -0.94 6.40 -8.88
C LEU A 218 -1.74 7.42 -9.67
N PRO A 219 -1.20 8.62 -10.01
CA PRO A 219 -1.95 9.57 -10.84
C PRO A 219 -2.40 9.03 -12.21
N ARG A 220 -1.60 8.22 -12.87
CA ARG A 220 -2.02 7.62 -14.16
C ARG A 220 -3.22 6.71 -13.88
N ILE A 221 -3.16 5.93 -12.80
CA ILE A 221 -4.30 5.02 -12.45
C ILE A 221 -5.55 5.87 -12.14
N ALA A 222 -5.42 6.99 -11.42
CA ALA A 222 -6.56 7.86 -11.06
C ALA A 222 -7.23 8.39 -12.34
N GLY A 223 -6.43 8.81 -13.32
CA GLY A 223 -6.92 9.25 -14.64
C GLY A 223 -7.70 8.16 -15.36
N HIS A 224 -7.15 6.96 -15.39
CA HIS A 224 -7.84 5.79 -15.98
C HIS A 224 -9.17 5.56 -15.27
N VAL A 225 -9.19 5.70 -13.94
CA VAL A 225 -10.44 5.46 -13.19
C VAL A 225 -11.48 6.51 -13.58
N ARG A 226 -11.10 7.78 -13.59
CA ARG A 226 -12.02 8.91 -13.92
C ARG A 226 -12.61 8.70 -15.33
N GLU A 227 -11.76 8.26 -16.26
CA GLU A 227 -12.04 8.18 -17.73
C GLU A 227 -12.60 6.79 -18.06
N LYS A 228 -12.74 5.91 -17.06
CA LYS A 228 -13.26 4.53 -17.21
C LYS A 228 -12.45 3.81 -18.30
N GLN A 229 -11.11 3.91 -18.26
CA GLN A 229 -10.19 3.28 -19.23
C GLN A 229 -9.52 2.13 -18.49
N TYR A 230 -9.93 0.90 -18.81
CA TYR A 230 -9.52 -0.29 -18.05
C TYR A 230 -8.59 -1.18 -18.84
N VAL A 231 -8.18 -0.76 -20.04
CA VAL A 231 -7.29 -1.58 -20.93
C VAL A 231 -5.84 -1.25 -20.62
N GLY A 232 -5.02 -2.26 -20.38
CA GLY A 232 -3.56 -2.11 -20.29
C GLY A 232 -2.84 -3.43 -20.39
N GLY A 233 -1.62 -3.49 -19.88
CA GLY A 233 -0.70 -4.63 -20.09
C GLY A 233 -0.58 -5.50 -18.84
N SER A 234 -1.43 -5.30 -17.83
CA SER A 234 -1.35 -5.96 -16.50
C SER A 234 -2.70 -6.49 -16.06
N PRO A 235 -3.23 -7.50 -16.77
CA PRO A 235 -4.61 -7.92 -16.50
C PRO A 235 -4.79 -8.60 -15.14
N LEU A 236 -5.99 -8.46 -14.59
CA LEU A 236 -6.38 -8.96 -13.25
C LEU A 236 -6.19 -10.48 -13.18
N THR A 237 -6.38 -11.24 -14.26
CA THR A 237 -6.10 -12.70 -14.23
C THR A 237 -4.65 -12.97 -13.81
N MET A 238 -3.72 -12.22 -14.35
CA MET A 238 -2.28 -12.37 -14.08
C MET A 238 -1.99 -11.88 -12.64
N GLN A 239 -2.60 -10.75 -12.23
CA GLN A 239 -2.36 -10.15 -10.91
C GLN A 239 -2.83 -11.14 -9.85
N LEU A 240 -3.97 -11.76 -10.08
CA LEU A 240 -4.55 -12.71 -9.12
C LEU A 240 -3.65 -13.94 -9.01
N GLU A 241 -3.09 -14.43 -10.12
CA GLU A 241 -2.16 -15.59 -10.09
C GLU A 241 -0.95 -15.23 -9.18
N ALA A 242 -0.40 -14.03 -9.31
CA ALA A 242 0.74 -13.56 -8.50
C ALA A 242 0.34 -13.40 -7.01
N LEU A 243 -0.84 -12.86 -6.72
CA LEU A 243 -1.33 -12.79 -5.30
C LEU A 243 -1.46 -14.21 -4.73
N GLU A 244 -1.95 -15.17 -5.53
CA GLU A 244 -2.08 -16.57 -5.06
C GLU A 244 -0.70 -17.14 -4.75
N ASN A 245 0.31 -16.79 -5.54
CA ASN A 245 1.71 -17.23 -5.27
C ASN A 245 2.24 -16.58 -3.99
N ILE A 246 1.80 -15.36 -3.61
CA ILE A 246 2.22 -14.76 -2.32
C ILE A 246 1.67 -15.66 -1.20
N SER A 247 0.41 -16.10 -1.28
CA SER A 247 -0.17 -17.03 -0.26
C SER A 247 0.69 -18.29 -0.16
N GLU A 248 1.04 -18.88 -1.30
CA GLU A 248 1.73 -20.19 -1.28
C GLU A 248 3.17 -19.99 -0.79
N THR A 249 3.84 -18.88 -1.13
CA THR A 249 5.19 -18.53 -0.58
C THR A 249 5.08 -18.47 0.96
N SER A 250 4.04 -17.81 1.44
CA SER A 250 3.82 -17.58 2.89
C SER A 250 3.58 -18.94 3.56
N ARG A 251 2.70 -19.76 2.98
CA ARG A 251 2.39 -21.13 3.50
C ARG A 251 3.67 -21.98 3.58
N GLU A 252 4.49 -22.00 2.51
CA GLU A 252 5.80 -22.72 2.40
C GLU A 252 6.67 -22.33 3.61
N LEU A 253 6.62 -21.07 4.03
CA LEU A 253 7.47 -20.54 5.13
C LEU A 253 6.83 -20.68 6.51
N GLY A 254 5.55 -21.03 6.60
CA GLY A 254 4.79 -21.04 7.88
C GLY A 254 4.39 -19.63 8.32
N VAL A 255 4.14 -18.72 7.36
CA VAL A 255 3.80 -17.30 7.65
C VAL A 255 2.35 -17.07 7.28
N GLY A 256 1.64 -16.31 8.10
CA GLY A 256 0.25 -15.93 7.80
C GLY A 256 0.16 -15.03 6.57
N VAL A 257 -1.06 -14.84 6.09
CA VAL A 257 -1.40 -14.29 4.75
C VAL A 257 -2.44 -13.19 4.93
N LEU A 258 -2.08 -11.94 4.57
CA LEU A 258 -3.04 -10.82 4.50
C LEU A 258 -3.54 -10.68 3.05
N LEU A 259 -4.09 -9.52 2.67
CA LEU A 259 -4.57 -9.17 1.30
C LEU A 259 -5.75 -10.05 0.88
N GLY A 260 -6.45 -10.70 1.83
CA GLY A 260 -7.63 -11.53 1.50
C GLY A 260 -8.70 -10.77 0.73
N SER A 261 -8.97 -9.51 1.09
CA SER A 261 -10.05 -8.72 0.45
C SER A 261 -9.67 -8.49 -1.01
N MET A 262 -8.38 -8.27 -1.26
CA MET A 262 -7.89 -8.03 -2.63
C MET A 262 -8.06 -9.30 -3.46
N ARG A 263 -7.66 -10.45 -2.93
CA ARG A 263 -7.89 -11.73 -3.63
C ARG A 263 -9.39 -11.93 -3.93
N GLU A 264 -10.27 -11.62 -2.98
CA GLU A 264 -11.73 -11.91 -3.15
C GLU A 264 -12.30 -10.97 -4.21
N VAL A 265 -11.93 -9.68 -4.22
CA VAL A 265 -12.51 -8.74 -5.20
C VAL A 265 -11.97 -9.05 -6.60
N MET A 266 -10.69 -9.42 -6.72
CA MET A 266 -10.09 -9.80 -8.02
C MET A 266 -10.75 -11.11 -8.52
N SER A 267 -10.98 -12.08 -7.62
CA SER A 267 -11.60 -13.37 -7.99
C SER A 267 -12.99 -13.11 -8.61
N GLU A 268 -13.80 -12.27 -7.95
CA GLU A 268 -15.14 -11.92 -8.46
C GLU A 268 -15.04 -11.10 -9.74
N ALA A 269 -14.08 -10.18 -9.87
CA ALA A 269 -13.90 -9.43 -11.13
C ALA A 269 -13.71 -10.41 -12.29
N VAL A 270 -12.87 -11.42 -12.14
CA VAL A 270 -12.65 -12.47 -13.18
C VAL A 270 -14.01 -13.16 -13.49
N LYS A 271 -14.74 -13.59 -12.46
CA LYS A 271 -16.08 -14.25 -12.66
C LYS A 271 -17.03 -13.31 -13.45
N LYS A 272 -16.96 -11.98 -13.26
CA LYS A 272 -17.79 -10.99 -13.99
C LYS A 272 -17.24 -10.71 -15.40
N GLY A 273 -16.21 -11.43 -15.83
CA GLY A 273 -15.61 -11.23 -17.17
C GLY A 273 -14.76 -9.98 -17.25
N LYS A 274 -14.24 -9.50 -16.13
CA LYS A 274 -13.38 -8.28 -16.09
C LYS A 274 -11.91 -8.72 -15.93
N GLY A 275 -11.61 -10.00 -16.17
CA GLY A 275 -10.28 -10.59 -15.97
C GLY A 275 -9.20 -9.94 -16.82
N GLY A 276 -9.56 -9.36 -17.95
CA GLY A 276 -8.60 -8.71 -18.85
C GLY A 276 -8.35 -7.26 -18.49
N GLU A 277 -9.08 -6.73 -17.52
CA GLU A 277 -8.93 -5.30 -17.17
C GLU A 277 -7.71 -5.08 -16.27
N SER A 278 -7.31 -3.82 -16.20
CA SER A 278 -6.31 -3.27 -15.25
C SER A 278 -6.89 -3.11 -13.86
N ILE A 279 -6.02 -2.72 -12.94
CA ILE A 279 -6.38 -2.45 -11.53
C ILE A 279 -7.48 -1.39 -11.47
N ALA A 280 -7.54 -0.45 -12.42
CA ALA A 280 -8.63 0.58 -12.45
C ALA A 280 -9.99 -0.11 -12.47
N GLY A 281 -10.07 -1.27 -13.14
CA GLY A 281 -11.25 -2.13 -13.22
C GLY A 281 -11.87 -2.46 -11.87
N LEU A 282 -11.10 -2.43 -10.78
CA LEU A 282 -11.64 -2.82 -9.46
C LEU A 282 -12.48 -1.69 -8.87
N VAL A 283 -12.31 -0.44 -9.32
CA VAL A 283 -13.00 0.66 -8.61
C VAL A 283 -14.52 0.51 -8.77
N PRO A 284 -15.04 0.26 -9.99
CA PRO A 284 -16.47 -0.03 -10.19
C PRO A 284 -16.98 -1.23 -9.39
N MET A 285 -16.15 -2.25 -9.10
CA MET A 285 -16.55 -3.37 -8.21
C MET A 285 -16.98 -2.80 -6.86
N LEU A 286 -16.33 -1.74 -6.38
CA LEU A 286 -16.64 -1.17 -5.05
C LEU A 286 -17.80 -0.18 -5.17
N THR A 287 -17.86 0.64 -6.21
CA THR A 287 -18.69 1.87 -6.19
C THR A 287 -20.16 1.47 -6.32
N GLU A 288 -20.44 0.25 -6.79
CA GLU A 288 -21.80 -0.16 -7.19
C GLU A 288 -22.39 -1.11 -6.15
N LEU A 289 -21.65 -1.55 -5.13
CA LEU A 289 -22.17 -2.56 -4.16
C LEU A 289 -21.63 -2.34 -2.75
N ASP A 290 -22.52 -2.12 -1.78
CA ASP A 290 -22.18 -2.08 -0.34
C ASP A 290 -21.90 -3.53 0.12
N LYS A 291 -20.62 -3.89 0.21
CA LYS A 291 -20.14 -5.25 0.59
C LYS A 291 -18.73 -5.14 1.19
N LYS A 292 -18.48 -5.90 2.26
CA LYS A 292 -17.18 -6.10 2.94
C LYS A 292 -16.53 -7.35 2.31
N TRP A 293 -15.43 -7.16 1.57
CA TRP A 293 -14.79 -8.24 0.77
C TRP A 293 -13.75 -9.07 1.56
N SER B 4 25.27 -15.41 -38.13
CA SER B 4 26.26 -14.34 -38.44
C SER B 4 26.52 -13.47 -37.18
N ASN B 5 26.08 -12.20 -37.16
CA ASN B 5 26.51 -11.26 -36.08
C ASN B 5 25.62 -11.50 -34.85
N LYS B 6 24.30 -11.49 -35.05
CA LYS B 6 23.32 -11.34 -33.93
C LYS B 6 23.20 -12.67 -33.17
N PRO B 7 23.23 -12.62 -31.81
CA PRO B 7 22.97 -13.81 -31.00
C PRO B 7 21.59 -14.45 -31.22
N HIS B 8 21.53 -15.79 -31.25
CA HIS B 8 20.30 -16.61 -31.33
C HIS B 8 19.66 -16.68 -29.94
N VAL B 9 18.36 -16.40 -29.85
CA VAL B 9 17.63 -16.42 -28.56
C VAL B 9 16.25 -16.99 -28.86
N SER B 10 15.78 -17.92 -28.02
CA SER B 10 14.41 -18.49 -28.06
C SER B 10 13.58 -17.93 -26.89
N LEU B 11 12.33 -17.56 -27.17
CA LEU B 11 11.34 -17.06 -26.17
C LEU B 11 10.11 -17.95 -26.16
N ILE B 12 9.72 -18.40 -24.98
CA ILE B 12 8.51 -19.21 -24.74
C ILE B 12 7.53 -18.32 -23.95
N GLY B 13 6.45 -17.92 -24.60
CA GLY B 13 5.41 -17.09 -23.99
C GLY B 13 5.35 -15.72 -24.65
N LEU B 14 4.20 -15.39 -25.24
CA LEU B 14 3.96 -14.11 -25.95
C LEU B 14 2.72 -13.41 -25.41
N GLY B 15 2.55 -13.47 -24.09
CA GLY B 15 1.50 -12.67 -23.45
C GLY B 15 1.90 -11.20 -23.39
N ASN B 16 1.27 -10.46 -22.49
CA ASN B 16 1.58 -9.01 -22.34
C ASN B 16 3.09 -8.84 -22.10
N MET B 17 3.67 -9.59 -21.16
CA MET B 17 5.10 -9.36 -20.83
C MET B 17 5.98 -10.09 -21.85
N GLY B 18 5.60 -11.28 -22.31
CA GLY B 18 6.39 -12.01 -23.33
C GLY B 18 6.55 -11.18 -24.59
N LEU B 19 5.51 -10.50 -25.05
CA LEU B 19 5.62 -9.67 -26.29
C LEU B 19 6.56 -8.49 -26.00
N ALA B 20 6.46 -7.85 -24.84
CA ALA B 20 7.37 -6.74 -24.46
C ALA B 20 8.83 -7.23 -24.50
N ILE B 21 9.12 -8.39 -23.92
CA ILE B 21 10.48 -9.02 -23.98
C ILE B 21 10.89 -9.25 -25.45
N ALA B 22 10.03 -9.85 -26.26
CA ALA B 22 10.32 -10.13 -27.68
C ALA B 22 10.76 -8.83 -28.35
N ASN B 23 10.01 -7.74 -28.14
CA ASN B 23 10.31 -6.44 -28.81
C ASN B 23 11.65 -5.86 -28.30
N CYS B 24 11.96 -6.01 -27.01
CA CYS B 24 13.24 -5.57 -26.40
C CYS B 24 14.39 -6.38 -27.02
N LEU B 25 14.21 -7.68 -27.18
CA LEU B 25 15.28 -8.57 -27.70
C LEU B 25 15.54 -8.24 -29.19
N ILE B 26 14.49 -8.01 -29.97
CA ILE B 26 14.56 -7.61 -31.40
C ILE B 26 15.34 -6.29 -31.50
N LYS B 27 14.90 -5.29 -30.76
CA LYS B 27 15.45 -3.91 -30.78
C LYS B 27 16.96 -3.94 -30.46
N SER B 28 17.40 -4.80 -29.53
CA SER B 28 18.82 -4.91 -29.09
C SER B 28 19.64 -5.64 -30.16
N GLY B 29 18.97 -6.31 -31.11
CA GLY B 29 19.54 -6.79 -32.37
C GLY B 29 19.78 -8.30 -32.38
N CYS B 30 18.97 -9.08 -31.67
CA CYS B 30 19.14 -10.55 -31.58
C CYS B 30 18.31 -11.24 -32.68
N LYS B 31 18.62 -12.52 -32.96
CA LYS B 31 17.89 -13.45 -33.86
C LYS B 31 16.92 -14.33 -33.08
N LEU B 32 15.64 -13.96 -33.12
CA LEU B 32 14.63 -14.51 -32.18
C LEU B 32 13.81 -15.63 -32.81
N THR B 33 13.62 -16.72 -32.07
CA THR B 33 12.63 -17.76 -32.36
C THR B 33 11.62 -17.73 -31.22
N VAL B 34 10.32 -17.83 -31.52
CA VAL B 34 9.26 -17.74 -30.48
C VAL B 34 8.33 -18.94 -30.56
N TRP B 35 7.69 -19.20 -29.44
CA TRP B 35 6.55 -20.13 -29.35
C TRP B 35 5.51 -19.60 -28.37
N ASN B 36 4.25 -19.71 -28.72
CA ASN B 36 3.14 -19.35 -27.82
C ASN B 36 2.00 -20.31 -28.07
N ARG B 37 1.26 -20.66 -27.03
CA ARG B 37 0.04 -21.51 -27.18
C ARG B 37 -0.85 -20.94 -28.29
N SER B 38 -1.10 -19.62 -28.27
CA SER B 38 -1.84 -18.87 -29.31
C SER B 38 -0.83 -18.29 -30.31
N ALA B 39 -0.61 -18.98 -31.43
CA ALA B 39 0.46 -18.63 -32.39
C ALA B 39 0.25 -17.21 -32.93
N SER B 40 -1.00 -16.77 -33.00
CA SER B 40 -1.37 -15.46 -33.61
C SER B 40 -0.70 -14.31 -32.84
N LYS B 41 -0.37 -14.49 -31.56
CA LYS B 41 0.29 -13.40 -30.77
C LYS B 41 1.65 -13.04 -31.41
N ALA B 42 2.21 -13.86 -32.33
CA ALA B 42 3.51 -13.57 -32.98
C ALA B 42 3.34 -12.67 -34.23
N ALA B 43 2.13 -12.36 -34.65
CA ALA B 43 1.87 -11.65 -35.92
C ALA B 43 2.70 -10.36 -36.01
N SER B 44 2.78 -9.58 -34.93
CA SER B 44 3.51 -8.28 -34.89
C SER B 44 5.02 -8.51 -34.92
N LEU B 45 5.49 -9.72 -34.67
CA LEU B 45 6.94 -10.02 -34.68
C LEU B 45 7.41 -10.52 -36.03
N VAL B 46 6.52 -11.15 -36.81
CA VAL B 46 6.89 -11.77 -38.13
C VAL B 46 7.47 -10.70 -39.08
N ALA B 47 6.93 -9.49 -39.17
CA ALA B 47 7.51 -8.39 -40.00
C ALA B 47 8.95 -8.09 -39.55
N GLN B 48 9.20 -8.08 -38.24
CA GLN B 48 10.52 -7.68 -37.68
C GLN B 48 11.50 -8.84 -37.87
N GLY B 49 11.06 -9.93 -38.51
CA GLY B 49 11.94 -11.01 -39.01
C GLY B 49 12.07 -12.18 -38.04
N VAL B 50 11.10 -12.39 -37.14
CA VAL B 50 11.20 -13.47 -36.11
C VAL B 50 10.66 -14.76 -36.69
N THR B 51 11.26 -15.87 -36.26
CA THR B 51 10.79 -17.23 -36.61
C THR B 51 9.83 -17.72 -35.54
N VAL B 52 8.71 -18.30 -35.96
CA VAL B 52 7.71 -18.95 -35.09
C VAL B 52 7.91 -20.45 -35.18
N ALA B 53 8.22 -21.07 -34.04
CA ALA B 53 8.41 -22.53 -33.96
C ALA B 53 7.05 -23.20 -33.81
N ALA B 54 6.92 -24.43 -34.25
CA ALA B 54 5.63 -25.15 -34.19
C ALA B 54 5.36 -25.62 -32.76
N THR B 55 6.41 -25.95 -32.02
CA THR B 55 6.29 -26.60 -30.69
C THR B 55 7.34 -26.01 -29.76
N PRO B 56 7.13 -26.08 -28.44
CA PRO B 56 8.15 -25.68 -27.48
C PRO B 56 9.51 -26.32 -27.75
N ALA B 57 9.52 -27.64 -28.03
CA ALA B 57 10.76 -28.39 -28.33
C ALA B 57 11.48 -27.79 -29.54
N GLU B 58 10.77 -27.54 -30.64
CA GLU B 58 11.44 -26.98 -31.84
C GLU B 58 11.95 -25.58 -31.55
N CYS B 59 11.26 -24.83 -30.68
CA CYS B 59 11.70 -23.47 -30.27
C CYS B 59 13.07 -23.54 -29.55
N VAL B 60 13.16 -24.42 -28.56
CA VAL B 60 14.37 -24.63 -27.71
C VAL B 60 15.52 -25.17 -28.58
N ALA B 61 15.21 -26.00 -29.58
CA ALA B 61 16.21 -26.54 -30.54
C ALA B 61 16.90 -25.43 -31.35
N SER B 62 16.29 -24.24 -31.55
CA SER B 62 16.80 -23.18 -32.44
C SER B 62 17.88 -22.29 -31.85
N SER B 63 18.11 -22.31 -30.52
CA SER B 63 18.92 -21.25 -29.85
C SER B 63 19.66 -21.84 -28.66
N PRO B 64 20.82 -21.29 -28.25
CA PRO B 64 21.50 -21.75 -27.04
C PRO B 64 20.95 -21.10 -25.75
N THR B 65 20.17 -20.03 -25.89
CA THR B 65 19.62 -19.27 -24.73
C THR B 65 18.10 -19.27 -24.85
N ILE B 66 17.43 -19.76 -23.82
CA ILE B 66 15.96 -19.89 -23.75
C ILE B 66 15.41 -18.93 -22.70
N VAL B 67 14.50 -18.06 -23.09
CA VAL B 67 13.80 -17.14 -22.13
C VAL B 67 12.38 -17.66 -22.00
N ILE B 68 11.93 -17.85 -20.77
CA ILE B 68 10.56 -18.29 -20.49
C ILE B 68 9.80 -17.16 -19.79
N CYS B 69 8.64 -16.81 -20.30
CA CYS B 69 7.75 -15.81 -19.65
C CYS B 69 6.31 -16.28 -19.80
N LEU B 70 5.94 -17.25 -18.96
CA LEU B 70 4.59 -17.85 -18.97
C LEU B 70 3.81 -17.37 -17.75
N LEU B 71 2.54 -17.71 -17.72
CA LEU B 71 1.66 -17.25 -16.62
C LEU B 71 2.18 -17.73 -15.26
N SER B 72 2.52 -19.01 -15.14
CA SER B 72 2.73 -19.65 -13.83
C SER B 72 3.70 -20.83 -13.95
N TYR B 73 4.14 -21.32 -12.81
CA TYR B 73 4.89 -22.61 -12.70
C TYR B 73 4.09 -23.75 -13.35
N ASP B 74 2.80 -23.89 -13.04
CA ASP B 74 1.97 -25.02 -13.53
C ASP B 74 2.01 -25.03 -15.06
N VAL B 75 1.80 -23.86 -15.69
CA VAL B 75 1.85 -23.67 -17.17
C VAL B 75 3.26 -23.94 -17.69
N THR B 76 4.32 -23.57 -16.96
CA THR B 76 5.72 -23.87 -17.34
C THR B 76 5.95 -25.38 -17.39
N GLN B 77 5.55 -26.09 -16.32
CA GLN B 77 5.69 -27.56 -16.20
C GLN B 77 4.99 -28.23 -17.41
N GLN B 78 3.75 -27.85 -17.73
CA GLN B 78 2.94 -28.41 -18.85
C GLN B 78 3.62 -28.13 -20.19
N THR B 79 4.09 -26.89 -20.38
CA THR B 79 4.67 -26.40 -21.65
C THR B 79 6.01 -27.09 -21.90
N LEU B 80 6.75 -27.47 -20.86
CA LEU B 80 8.06 -28.16 -21.00
C LEU B 80 7.90 -29.69 -20.95
N ASP B 81 6.66 -30.19 -20.96
CA ASP B 81 6.37 -31.65 -20.83
C ASP B 81 7.18 -32.40 -21.89
N GLU B 82 7.18 -31.93 -23.14
CA GLU B 82 7.85 -32.69 -24.23
C GLU B 82 9.16 -32.00 -24.61
N VAL B 83 9.68 -31.07 -23.79
CA VAL B 83 11.04 -30.54 -24.01
C VAL B 83 11.99 -31.46 -23.23
N ILE B 84 12.60 -32.42 -23.93
CA ILE B 84 13.33 -33.56 -23.28
C ILE B 84 14.83 -33.33 -23.41
N ASP B 85 15.29 -32.46 -24.31
CA ASP B 85 16.73 -32.22 -24.51
C ASP B 85 17.10 -30.74 -24.34
N LEU B 86 17.78 -30.40 -23.23
CA LEU B 86 18.28 -29.02 -23.01
C LEU B 86 19.81 -28.97 -23.01
N SER B 87 20.50 -29.96 -23.60
CA SER B 87 21.98 -29.97 -23.66
C SER B 87 22.46 -28.69 -24.35
N GLY B 88 23.43 -28.00 -23.77
CA GLY B 88 24.06 -26.79 -24.33
C GLY B 88 23.16 -25.56 -24.18
N LYS B 89 22.10 -25.64 -23.40
CA LYS B 89 21.11 -24.52 -23.32
C LYS B 89 21.18 -23.83 -21.95
N THR B 90 21.21 -22.49 -21.96
CA THR B 90 21.06 -21.65 -20.75
C THR B 90 19.59 -21.21 -20.65
N ILE B 91 18.99 -21.39 -19.47
CA ILE B 91 17.53 -21.15 -19.26
C ILE B 91 17.41 -19.88 -18.42
N ILE B 92 16.67 -18.90 -18.93
CA ILE B 92 16.35 -17.66 -18.18
C ILE B 92 14.85 -17.66 -17.93
N ASN B 93 14.45 -17.96 -16.70
CA ASN B 93 13.00 -18.07 -16.37
C ASN B 93 12.51 -16.79 -15.71
N LEU B 94 11.63 -16.06 -16.40
CA LEU B 94 11.05 -14.79 -15.91
C LEU B 94 9.59 -15.01 -15.52
N THR B 95 9.18 -16.24 -15.28
CA THR B 95 7.78 -16.57 -14.86
C THR B 95 7.60 -16.38 -13.36
N ASN B 96 6.64 -15.59 -12.92
CA ASN B 96 6.36 -15.38 -11.48
C ASN B 96 6.00 -16.73 -10.83
N GLY B 97 6.56 -16.99 -9.65
CA GLY B 97 6.19 -18.17 -8.85
C GLY B 97 6.81 -18.12 -7.46
N THR B 98 6.70 -19.21 -6.73
CA THR B 98 7.19 -19.33 -5.34
C THR B 98 8.67 -19.70 -5.35
N PRO B 99 9.39 -19.49 -4.22
CA PRO B 99 10.77 -19.96 -4.09
C PRO B 99 10.90 -21.44 -4.44
N GLN B 100 10.00 -22.29 -3.95
CA GLN B 100 10.13 -23.75 -4.18
C GLN B 100 9.90 -24.06 -5.67
N GLN B 101 9.01 -23.34 -6.35
CA GLN B 101 8.76 -23.53 -7.80
C GLN B 101 10.01 -23.19 -8.60
N ALA B 102 10.78 -22.17 -8.20
CA ALA B 102 12.07 -21.85 -8.86
C ALA B 102 13.04 -23.04 -8.71
N VAL B 103 13.08 -23.66 -7.55
CA VAL B 103 13.97 -24.83 -7.31
C VAL B 103 13.51 -26.01 -8.20
N LYS B 104 12.20 -26.25 -8.27
CA LYS B 104 11.56 -27.33 -9.06
C LYS B 104 11.93 -27.15 -10.54
N VAL B 105 11.88 -25.94 -11.08
CA VAL B 105 12.18 -25.73 -12.52
C VAL B 105 13.68 -25.90 -12.75
N ALA B 106 14.53 -25.41 -11.86
CA ALA B 106 16.00 -25.54 -11.96
C ALA B 106 16.35 -27.04 -12.03
N THR B 107 15.66 -27.86 -11.25
CA THR B 107 15.91 -29.33 -11.13
C THR B 107 15.42 -30.03 -12.41
N LEU B 108 14.18 -29.74 -12.81
CA LEU B 108 13.62 -30.20 -14.11
C LEU B 108 14.62 -29.91 -15.24
N VAL B 109 15.19 -28.70 -15.36
CA VAL B 109 16.02 -28.40 -16.57
C VAL B 109 17.42 -29.04 -16.41
N GLN B 110 17.96 -29.10 -15.20
CA GLN B 110 19.20 -29.89 -14.93
C GLN B 110 19.07 -31.34 -15.42
N GLN B 111 18.03 -32.06 -14.96
CA GLN B 111 17.67 -33.46 -15.32
C GLN B 111 17.74 -33.60 -16.86
N ARG B 112 17.45 -32.54 -17.61
CA ARG B 112 17.22 -32.61 -19.07
C ARG B 112 18.49 -32.14 -19.77
N GLY B 113 19.53 -31.75 -19.00
CA GLY B 113 20.89 -31.52 -19.47
C GLY B 113 21.25 -30.08 -19.63
N ALA B 114 20.42 -29.17 -19.12
CA ALA B 114 20.68 -27.72 -19.26
C ALA B 114 22.06 -27.39 -18.75
N GLU B 115 22.71 -26.43 -19.38
CA GLU B 115 24.01 -25.90 -18.93
C GLU B 115 23.77 -25.16 -17.61
N SER B 116 22.75 -24.29 -17.57
CA SER B 116 22.55 -23.41 -16.40
C SER B 116 21.13 -22.85 -16.42
N TYR B 117 20.73 -22.31 -15.27
CA TYR B 117 19.37 -21.79 -15.02
C TYR B 117 19.52 -20.59 -14.13
N ILE B 118 18.95 -19.47 -14.56
CA ILE B 118 18.78 -18.26 -13.72
C ILE B 118 17.29 -17.94 -13.71
N HIS B 119 16.85 -17.38 -12.59
CA HIS B 119 15.45 -16.92 -12.39
C HIS B 119 15.47 -15.40 -12.30
N GLY B 120 14.50 -14.74 -12.91
CA GLY B 120 14.35 -13.29 -12.83
C GLY B 120 12.94 -12.89 -12.52
N ALA B 121 12.79 -11.73 -11.91
CA ALA B 121 11.48 -11.14 -11.58
C ALA B 121 11.47 -9.73 -12.17
N ILE B 122 10.64 -9.52 -13.18
CA ILE B 122 10.43 -8.18 -13.80
C ILE B 122 9.52 -7.37 -12.88
N MET B 123 9.91 -6.16 -12.50
CA MET B 123 9.21 -5.37 -11.43
C MET B 123 8.55 -4.12 -12.04
N VAL B 124 8.25 -4.14 -13.35
CA VAL B 124 7.50 -3.06 -14.05
C VAL B 124 6.46 -3.68 -14.98
N PRO B 125 5.46 -2.88 -15.41
CA PRO B 125 4.55 -3.29 -16.48
C PRO B 125 5.22 -3.30 -17.84
N PRO B 126 4.67 -4.05 -18.81
CA PRO B 126 5.32 -4.24 -20.13
C PRO B 126 5.79 -2.93 -20.81
N ILE B 127 4.99 -1.88 -20.74
CA ILE B 127 5.29 -0.60 -21.43
C ILE B 127 6.59 0.00 -20.89
N LEU B 128 7.03 -0.32 -19.68
CA LEU B 128 8.29 0.24 -19.12
C LEU B 128 9.47 -0.71 -19.34
N LEU B 129 9.26 -1.88 -19.95
CA LEU B 129 10.37 -2.85 -20.14
C LEU B 129 11.34 -2.23 -21.17
N GLY B 130 12.62 -2.35 -20.90
CA GLY B 130 13.68 -1.81 -21.78
C GLY B 130 14.19 -0.46 -21.30
N GLN B 131 13.45 0.28 -20.48
CA GLN B 131 13.97 1.55 -19.88
C GLN B 131 15.08 1.18 -18.90
N PRO B 132 16.24 1.88 -18.90
CA PRO B 132 17.31 1.58 -17.95
C PRO B 132 16.86 1.62 -16.48
N SER B 133 15.82 2.41 -16.17
CA SER B 133 15.25 2.59 -14.81
C SER B 133 14.41 1.37 -14.38
N SER B 134 13.95 0.56 -15.32
CA SER B 134 13.18 -0.70 -15.06
C SER B 134 14.10 -1.80 -14.54
N VAL B 135 13.86 -2.27 -13.32
CA VAL B 135 14.77 -3.22 -12.64
C VAL B 135 14.18 -4.64 -12.67
N THR B 136 14.99 -5.58 -13.13
CA THR B 136 14.71 -7.03 -13.06
C THR B 136 15.69 -7.63 -12.06
N LEU B 137 15.15 -8.34 -11.09
CA LEU B 137 15.94 -9.06 -10.08
C LEU B 137 16.31 -10.41 -10.64
N ILE B 138 17.57 -10.78 -10.53
CA ILE B 138 18.09 -12.08 -11.08
C ILE B 138 18.70 -12.86 -9.95
N SER B 139 18.41 -14.16 -9.84
CA SER B 139 19.15 -15.03 -8.90
C SER B 139 19.65 -16.29 -9.63
N GLY B 140 20.65 -16.94 -9.04
CA GLY B 140 21.32 -18.10 -9.64
C GLY B 140 22.81 -17.83 -9.78
N PRO B 141 23.55 -18.81 -10.38
CA PRO B 141 25.00 -18.73 -10.44
C PRO B 141 25.54 -17.46 -11.09
N LYS B 142 26.48 -16.79 -10.40
CA LYS B 142 27.03 -15.47 -10.80
C LYS B 142 27.55 -15.56 -12.23
N THR B 143 28.23 -16.65 -12.59
CA THR B 143 28.95 -16.80 -13.89
C THR B 143 27.93 -16.79 -15.03
N ALA B 144 26.86 -17.57 -14.85
CA ALA B 144 25.67 -17.65 -15.73
C ALA B 144 25.01 -16.27 -15.86
N TYR B 145 24.84 -15.53 -14.76
CA TYR B 145 24.31 -14.15 -14.83
C TYR B 145 25.27 -13.27 -15.64
N GLU B 146 26.56 -13.29 -15.31
CA GLU B 146 27.58 -12.41 -15.94
C GLU B 146 27.58 -12.67 -17.46
N SER B 147 27.46 -13.92 -17.88
CA SER B 147 27.45 -14.30 -19.32
C SER B 147 26.16 -13.82 -20.00
N GLN B 148 25.07 -13.60 -19.25
CA GLN B 148 23.76 -13.21 -19.85
C GLN B 148 23.48 -11.72 -19.64
N LYS B 149 24.37 -11.01 -18.93
CA LYS B 149 24.15 -9.62 -18.48
C LYS B 149 23.90 -8.73 -19.70
N GLU B 150 24.62 -8.95 -20.81
CA GLU B 150 24.57 -8.06 -22.01
C GLU B 150 23.22 -8.26 -22.71
N LEU B 151 22.83 -9.52 -22.93
CA LEU B 151 21.48 -9.88 -23.46
C LEU B 151 20.41 -9.24 -22.56
N LEU B 152 20.52 -9.42 -21.24
CA LEU B 152 19.45 -9.01 -20.28
C LEU B 152 19.37 -7.49 -20.19
N SER B 153 20.43 -6.75 -20.56
CA SER B 153 20.40 -5.28 -20.61
C SER B 153 19.37 -4.81 -21.64
N SER B 154 18.96 -5.65 -22.57
CA SER B 154 17.85 -5.31 -23.51
C SER B 154 16.57 -4.95 -22.74
N ILE B 155 16.30 -5.58 -21.59
CA ILE B 155 15.00 -5.37 -20.88
C ILE B 155 15.14 -4.32 -19.75
N GLY B 156 16.30 -3.70 -19.58
CA GLY B 156 16.47 -2.65 -18.55
C GLY B 156 17.70 -2.92 -17.70
N THR B 157 17.71 -2.48 -16.44
CA THR B 157 18.80 -2.77 -15.49
C THR B 157 18.49 -4.07 -14.72
N THR B 158 19.43 -5.00 -14.71
CA THR B 158 19.36 -6.24 -13.89
C THR B 158 20.15 -6.06 -12.59
N ARG B 159 19.64 -6.68 -11.55
CA ARG B 159 20.23 -6.66 -10.19
C ARG B 159 20.39 -8.11 -9.79
N HIS B 160 21.62 -8.62 -9.71
CA HIS B 160 21.89 -9.99 -9.26
C HIS B 160 21.80 -9.99 -7.73
N VAL B 161 20.82 -10.69 -7.15
CA VAL B 161 20.50 -10.53 -5.70
C VAL B 161 21.12 -11.67 -4.92
N SER B 162 21.40 -12.79 -5.56
CA SER B 162 21.85 -14.01 -4.87
C SER B 162 22.31 -15.06 -5.88
N ASP B 163 23.25 -15.89 -5.44
CA ASP B 163 23.66 -17.14 -6.12
C ASP B 163 22.54 -18.16 -5.92
N ASP B 164 21.73 -18.01 -4.86
CA ASP B 164 20.62 -18.95 -4.53
C ASP B 164 19.51 -18.77 -5.57
N ILE B 165 19.24 -19.80 -6.37
CA ILE B 165 18.21 -19.76 -7.44
C ILE B 165 16.86 -19.24 -6.90
N ALA B 166 16.47 -19.53 -5.66
CA ALA B 166 15.09 -19.26 -5.17
C ALA B 166 14.92 -17.79 -4.76
N LYS B 167 15.99 -16.98 -4.71
CA LYS B 167 15.97 -15.67 -3.98
C LYS B 167 15.19 -14.61 -4.77
N ALA B 168 15.31 -14.59 -6.09
CA ALA B 168 14.58 -13.60 -6.92
C ALA B 168 13.08 -13.76 -6.67
N SER B 169 12.58 -15.01 -6.57
CA SER B 169 11.16 -15.27 -6.35
C SER B 169 10.81 -14.91 -4.90
N LEU B 170 11.69 -15.18 -3.96
CA LEU B 170 11.41 -14.76 -2.56
C LEU B 170 11.20 -13.25 -2.52
N LEU B 171 12.14 -12.48 -3.07
CA LEU B 171 12.06 -10.99 -3.05
C LEU B 171 10.91 -10.49 -3.91
N ASP B 172 10.65 -11.10 -5.08
CA ASP B 172 9.46 -10.81 -5.91
C ASP B 172 8.18 -10.93 -5.06
N ASN B 173 7.97 -12.05 -4.36
CA ASN B 173 6.73 -12.30 -3.56
C ASN B 173 6.61 -11.24 -2.45
N ALA B 174 7.73 -10.87 -1.85
CA ALA B 174 7.73 -9.79 -0.83
C ALA B 174 7.40 -8.41 -1.45
N LEU B 175 8.07 -8.01 -2.53
CA LEU B 175 7.77 -6.70 -3.18
C LEU B 175 6.32 -6.67 -3.72
N LEU B 176 5.84 -7.78 -4.30
CA LEU B 176 4.45 -7.80 -4.82
C LEU B 176 3.45 -7.75 -3.67
N SER B 177 3.80 -8.20 -2.47
CA SER B 177 2.95 -8.03 -1.27
C SER B 177 2.74 -6.54 -1.03
N ILE B 178 3.81 -5.76 -1.12
CA ILE B 178 3.67 -4.30 -0.91
C ILE B 178 2.79 -3.73 -2.02
N MET B 179 3.02 -4.11 -3.28
CA MET B 179 2.23 -3.56 -4.41
C MET B 179 0.75 -3.93 -4.26
N GLY B 180 0.45 -5.16 -3.81
CA GLY B 180 -0.94 -5.59 -3.63
C GLY B 180 -1.59 -4.72 -2.55
N GLY B 181 -0.84 -4.41 -1.49
CA GLY B 181 -1.35 -3.56 -0.39
C GLY B 181 -1.62 -2.16 -0.89
N VAL B 182 -0.63 -1.58 -1.56
CA VAL B 182 -0.71 -0.19 -2.10
C VAL B 182 -1.95 -0.10 -2.98
N PHE B 183 -2.15 -1.07 -3.88
CA PHE B 183 -3.26 -0.99 -4.85
C PHE B 183 -4.60 -1.25 -4.13
N GLU B 184 -4.64 -2.15 -3.16
CA GLU B 184 -5.88 -2.36 -2.38
C GLU B 184 -6.31 -1.03 -1.75
N GLY B 185 -5.37 -0.32 -1.12
CA GLY B 185 -5.68 0.96 -0.46
C GLY B 185 -6.06 2.02 -1.47
N TRP B 186 -5.40 2.05 -2.64
CA TRP B 186 -5.61 3.07 -3.70
C TRP B 186 -6.99 2.88 -4.31
N VAL B 187 -7.37 1.64 -4.59
CA VAL B 187 -8.71 1.29 -5.14
C VAL B 187 -9.77 1.74 -4.13
N GLN B 188 -9.59 1.43 -2.84
CA GLN B 188 -10.56 1.84 -1.79
C GLN B 188 -10.69 3.38 -1.77
N ALA B 189 -9.57 4.08 -1.77
CA ALA B 189 -9.50 5.55 -1.74
C ALA B 189 -10.24 6.15 -2.95
N LEU B 190 -9.98 5.64 -4.13
CA LEU B 190 -10.60 6.22 -5.37
C LEU B 190 -12.10 5.89 -5.41
N ALA B 191 -12.54 4.76 -4.85
CA ALA B 191 -13.97 4.41 -4.78
C ALA B 191 -14.69 5.42 -3.88
N ILE B 192 -14.11 5.75 -2.72
CA ILE B 192 -14.67 6.73 -1.76
C ILE B 192 -14.73 8.11 -2.41
N VAL B 193 -13.62 8.62 -2.91
CA VAL B 193 -13.61 10.04 -3.38
C VAL B 193 -14.45 10.14 -4.65
N GLY B 194 -14.41 9.13 -5.54
CA GLY B 194 -15.25 9.11 -6.75
C GLY B 194 -16.73 9.18 -6.43
N LYS B 195 -17.24 8.27 -5.59
CA LYS B 195 -18.69 8.18 -5.24
C LYS B 195 -19.11 9.45 -4.49
N ALA B 196 -18.19 10.09 -3.77
CA ALA B 196 -18.45 11.35 -3.05
C ALA B 196 -18.49 12.53 -4.02
N GLY B 197 -18.16 12.30 -5.29
CA GLY B 197 -18.24 13.32 -6.34
C GLY B 197 -16.97 14.15 -6.47
N GLU B 198 -15.86 13.74 -5.85
CA GLU B 198 -14.57 14.45 -6.00
C GLU B 198 -13.82 13.96 -7.25
N ASP B 199 -12.87 14.76 -7.71
CA ASP B 199 -12.03 14.47 -8.90
C ASP B 199 -10.87 13.56 -8.47
N GLU B 200 -10.80 12.37 -9.08
CA GLU B 200 -9.75 11.39 -8.77
C GLU B 200 -8.37 11.97 -9.08
N VAL B 201 -8.24 12.79 -10.12
CA VAL B 201 -6.90 13.24 -10.56
C VAL B 201 -6.40 14.33 -9.59
N ASP B 202 -7.26 15.26 -9.20
CA ASP B 202 -6.90 16.27 -8.16
C ASP B 202 -6.60 15.53 -6.86
N PHE B 203 -7.36 14.47 -6.52
CA PHE B 203 -7.08 13.70 -5.29
C PHE B 203 -5.69 13.03 -5.35
N ALA B 204 -5.32 12.45 -6.50
CA ALA B 204 -3.97 11.88 -6.71
C ALA B 204 -2.88 12.92 -6.42
N ALA B 205 -3.11 14.19 -6.76
CA ALA B 205 -2.13 15.30 -6.63
C ALA B 205 -1.99 15.66 -5.15
N LEU B 206 -3.14 15.88 -4.51
CA LEU B 206 -3.27 16.13 -3.05
C LEU B 206 -2.59 14.99 -2.31
N ALA B 207 -2.79 13.75 -2.75
CA ALA B 207 -2.29 12.55 -2.06
C ALA B 207 -0.77 12.45 -2.19
N SER B 208 -0.20 12.86 -3.33
CA SER B 208 1.20 12.55 -3.73
C SER B 208 2.19 12.78 -2.58
N PRO B 209 2.33 14.01 -2.00
CA PRO B 209 3.18 14.20 -0.84
C PRO B 209 3.00 13.05 0.18
N PHE B 210 1.77 12.84 0.66
CA PHE B 210 1.39 11.95 1.79
C PHE B 210 1.89 10.51 1.54
N VAL B 211 1.84 10.03 0.31
CA VAL B 211 2.28 8.64 -0.04
C VAL B 211 3.83 8.53 -0.06
N LYS B 212 4.55 9.55 -0.53
CA LYS B 212 6.03 9.53 -0.52
C LYS B 212 6.52 9.57 0.94
N SER B 213 5.88 10.37 1.80
CA SER B 213 6.08 10.39 3.28
C SER B 213 6.01 8.97 3.85
N MET B 214 5.02 8.19 3.44
CA MET B 214 4.88 6.80 3.94
C MET B 214 6.07 5.93 3.53
N ALA B 215 6.54 6.02 2.28
CA ALA B 215 7.69 5.23 1.79
C ALA B 215 8.88 5.51 2.71
N ASP B 216 9.03 6.77 3.12
CA ASP B 216 10.12 7.24 4.02
C ASP B 216 10.04 6.51 5.37
N TRP B 217 8.83 6.27 5.88
CA TRP B 217 8.59 5.62 7.21
C TRP B 217 8.95 4.14 7.18
N LEU B 218 9.04 3.50 6.00
CA LEU B 218 9.19 2.01 5.91
C LEU B 218 10.54 1.53 6.46
N PRO B 219 11.71 2.15 6.17
CA PRO B 219 12.95 1.67 6.75
C PRO B 219 12.99 1.73 8.29
N ARG B 220 12.36 2.74 8.86
CA ARG B 220 12.22 2.88 10.34
C ARG B 220 11.39 1.72 10.90
N ILE B 221 10.26 1.43 10.28
CA ILE B 221 9.40 0.30 10.72
C ILE B 221 10.18 -1.02 10.58
N ALA B 222 10.90 -1.22 9.48
CA ALA B 222 11.73 -2.44 9.29
C ALA B 222 12.74 -2.57 10.43
N GLY B 223 13.38 -1.47 10.82
CA GLY B 223 14.31 -1.47 11.99
C GLY B 223 13.59 -1.94 13.25
N HIS B 224 12.40 -1.38 13.50
CA HIS B 224 11.59 -1.72 14.70
C HIS B 224 11.25 -3.21 14.66
N VAL B 225 10.96 -3.74 13.48
CA VAL B 225 10.53 -5.17 13.39
C VAL B 225 11.77 -6.03 13.68
N ARG B 226 12.92 -5.68 13.11
CA ARG B 226 14.15 -6.48 13.33
C ARG B 226 14.49 -6.47 14.83
N GLU B 227 14.42 -5.29 15.45
CA GLU B 227 14.85 -5.05 16.86
C GLU B 227 13.73 -5.42 17.85
N LYS B 228 12.55 -5.81 17.35
CA LYS B 228 11.33 -6.20 18.13
C LYS B 228 10.90 -5.04 19.06
N GLN B 229 11.01 -3.81 18.58
CA GLN B 229 10.58 -2.58 19.26
C GLN B 229 9.16 -2.24 18.80
N TYR B 230 8.16 -2.42 19.66
CA TYR B 230 6.73 -2.31 19.31
C TYR B 230 6.05 -1.14 19.99
N VAL B 231 6.82 -0.31 20.70
CA VAL B 231 6.26 0.83 21.46
C VAL B 231 6.41 2.10 20.63
N GLY B 232 5.30 2.84 20.45
CA GLY B 232 5.34 4.16 19.81
C GLY B 232 4.10 4.93 20.15
N GLY B 233 3.78 5.92 19.33
CA GLY B 233 2.67 6.83 19.64
C GLY B 233 1.44 6.61 18.77
N SER B 234 1.33 5.46 18.09
CA SER B 234 0.21 5.14 17.18
C SER B 234 -0.32 3.73 17.50
N PRO B 235 -1.00 3.55 18.64
CA PRO B 235 -1.39 2.22 19.11
C PRO B 235 -2.42 1.55 18.16
N LEU B 236 -2.32 0.22 18.02
CA LEU B 236 -3.23 -0.58 17.15
C LEU B 236 -4.70 -0.36 17.51
N THR B 237 -5.08 -0.16 18.79
CA THR B 237 -6.49 0.14 19.16
C THR B 237 -7.00 1.37 18.40
N MET B 238 -6.20 2.43 18.39
CA MET B 238 -6.52 3.67 17.65
C MET B 238 -6.53 3.40 16.13
N GLN B 239 -5.58 2.61 15.63
CA GLN B 239 -5.50 2.35 14.16
C GLN B 239 -6.73 1.55 13.74
N LEU B 240 -7.13 0.56 14.54
CA LEU B 240 -8.32 -0.26 14.21
C LEU B 240 -9.59 0.61 14.22
N GLU B 241 -9.73 1.54 15.16
CA GLU B 241 -10.89 2.47 15.19
C GLU B 241 -10.96 3.23 13.85
N ALA B 242 -9.84 3.76 13.37
CA ALA B 242 -9.75 4.51 12.10
C ALA B 242 -10.14 3.60 10.93
N LEU B 243 -9.66 2.36 10.89
CA LEU B 243 -10.01 1.41 9.81
C LEU B 243 -11.52 1.15 9.86
N GLU B 244 -12.09 0.99 11.05
CA GLU B 244 -13.56 0.81 11.19
C GLU B 244 -14.28 2.03 10.63
N ASN B 245 -13.74 3.24 10.81
CA ASN B 245 -14.39 4.45 10.29
C ASN B 245 -14.30 4.45 8.75
N ILE B 246 -13.27 3.85 8.15
CA ILE B 246 -13.25 3.69 6.66
C ILE B 246 -14.44 2.83 6.22
N SER B 247 -14.73 1.75 6.91
CA SER B 247 -15.93 0.91 6.59
C SER B 247 -17.22 1.72 6.67
N GLU B 248 -17.41 2.50 7.74
CA GLU B 248 -18.64 3.30 7.95
C GLU B 248 -18.71 4.41 6.89
N THR B 249 -17.60 5.09 6.59
CA THR B 249 -17.55 6.13 5.53
C THR B 249 -18.05 5.51 4.22
N SER B 250 -17.56 4.30 3.94
CA SER B 250 -17.90 3.56 2.70
C SER B 250 -19.40 3.24 2.69
N ARG B 251 -19.91 2.69 3.78
CA ARG B 251 -21.36 2.35 3.92
C ARG B 251 -22.23 3.61 3.70
N GLU B 252 -21.90 4.77 4.30
CA GLU B 252 -22.58 6.09 4.12
C GLU B 252 -22.68 6.44 2.61
N LEU B 253 -21.69 6.04 1.79
CA LEU B 253 -21.60 6.34 0.34
C LEU B 253 -22.16 5.20 -0.51
N GLY B 254 -22.52 4.09 0.09
CA GLY B 254 -23.00 2.90 -0.62
C GLY B 254 -21.87 2.22 -1.35
N VAL B 255 -20.66 2.33 -0.81
CA VAL B 255 -19.41 1.80 -1.45
C VAL B 255 -18.91 0.58 -0.69
N GLY B 256 -18.35 -0.42 -1.39
CA GLY B 256 -17.79 -1.63 -0.79
C GLY B 256 -16.51 -1.31 -0.04
N VAL B 257 -16.03 -2.25 0.76
CA VAL B 257 -14.80 -2.04 1.56
C VAL B 257 -13.85 -3.23 1.45
N LEU B 258 -12.59 -2.91 1.19
CA LEU B 258 -11.45 -3.87 1.25
C LEU B 258 -10.79 -3.75 2.63
N LEU B 259 -9.52 -4.17 2.77
CA LEU B 259 -8.71 -4.09 4.01
C LEU B 259 -9.29 -4.99 5.11
N GLY B 260 -10.11 -5.98 4.74
CA GLY B 260 -10.66 -7.00 5.66
C GLY B 260 -9.58 -7.74 6.42
N SER B 261 -8.49 -8.18 5.77
CA SER B 261 -7.44 -8.96 6.44
C SER B 261 -6.73 -8.08 7.46
N MET B 262 -6.60 -6.80 7.16
CA MET B 262 -5.96 -5.81 8.06
C MET B 262 -6.82 -5.61 9.31
N ARG B 263 -8.12 -5.38 9.16
CA ARG B 263 -9.02 -5.29 10.33
C ARG B 263 -8.92 -6.58 11.15
N GLU B 264 -8.91 -7.74 10.50
CA GLU B 264 -8.95 -9.04 11.20
C GLU B 264 -7.65 -9.23 12.01
N VAL B 265 -6.47 -8.99 11.44
CA VAL B 265 -5.20 -9.17 12.19
C VAL B 265 -5.07 -8.10 13.31
N MET B 266 -5.53 -6.87 13.10
CA MET B 266 -5.47 -5.85 14.17
C MET B 266 -6.41 -6.25 15.32
N SER B 267 -7.62 -6.73 15.01
CA SER B 267 -8.58 -7.24 16.03
C SER B 267 -7.94 -8.34 16.87
N GLU B 268 -7.24 -9.29 16.24
CA GLU B 268 -6.59 -10.40 16.97
C GLU B 268 -5.44 -9.87 17.85
N ALA B 269 -4.63 -8.96 17.34
CA ALA B 269 -3.59 -8.26 18.11
C ALA B 269 -4.22 -7.66 19.39
N VAL B 270 -5.30 -6.92 19.22
CA VAL B 270 -5.97 -6.22 20.35
C VAL B 270 -6.40 -7.30 21.36
N LYS B 271 -7.01 -8.39 20.88
CA LYS B 271 -7.43 -9.55 21.70
C LYS B 271 -6.23 -10.21 22.43
N LYS B 272 -5.03 -10.28 21.85
CA LYS B 272 -3.84 -10.90 22.49
C LYS B 272 -3.05 -9.91 23.36
N GLY B 273 -3.59 -8.72 23.66
CA GLY B 273 -2.95 -7.76 24.58
C GLY B 273 -1.92 -6.87 23.91
N LYS B 274 -1.93 -6.79 22.57
CA LYS B 274 -0.93 -6.02 21.78
C LYS B 274 -1.61 -4.75 21.28
N GLY B 275 -2.78 -4.38 21.80
CA GLY B 275 -3.55 -3.19 21.41
C GLY B 275 -2.77 -1.91 21.57
N GLY B 276 -1.80 -1.85 22.50
CA GLY B 276 -0.92 -0.69 22.74
C GLY B 276 0.26 -0.60 21.79
N GLU B 277 0.51 -1.63 21.01
CA GLU B 277 1.70 -1.73 20.14
C GLU B 277 1.50 -0.95 18.85
N SER B 278 2.60 -0.72 18.15
CA SER B 278 2.72 -0.06 16.83
C SER B 278 2.44 -1.08 15.73
N ILE B 279 2.48 -0.62 14.49
CA ILE B 279 2.25 -1.52 13.32
C ILE B 279 3.30 -2.64 13.25
N ALA B 280 4.52 -2.39 13.75
CA ALA B 280 5.61 -3.39 13.83
C ALA B 280 5.12 -4.60 14.63
N GLY B 281 4.22 -4.41 15.59
CA GLY B 281 3.65 -5.50 16.40
C GLY B 281 2.83 -6.50 15.59
N LEU B 282 2.37 -6.16 14.39
CA LEU B 282 1.62 -7.12 13.55
C LEU B 282 2.55 -8.21 12.96
N VAL B 283 3.81 -7.90 12.72
CA VAL B 283 4.69 -8.83 11.96
C VAL B 283 4.80 -10.15 12.72
N PRO B 284 5.02 -10.16 14.07
CA PRO B 284 5.01 -11.43 14.80
C PRO B 284 3.65 -12.14 14.80
N MET B 285 2.52 -11.44 14.62
CA MET B 285 1.20 -12.11 14.44
C MET B 285 1.27 -13.04 13.21
N LEU B 286 2.04 -12.67 12.18
CA LEU B 286 2.11 -13.45 10.92
C LEU B 286 3.19 -14.53 11.03
N THR B 287 4.32 -14.25 11.67
CA THR B 287 5.53 -15.10 11.54
C THR B 287 5.35 -16.35 12.40
N GLU B 288 4.41 -16.36 13.34
CA GLU B 288 4.32 -17.43 14.37
C GLU B 288 3.15 -18.38 14.05
N LEU B 289 2.47 -18.20 12.91
CA LEU B 289 1.23 -18.97 12.60
C LEU B 289 0.88 -18.89 11.11
N ASP B 290 0.70 -20.04 10.47
CA ASP B 290 0.18 -20.20 9.09
C ASP B 290 -1.33 -19.99 9.12
N LYS B 291 -1.80 -18.80 8.72
CA LYS B 291 -3.24 -18.43 8.74
C LYS B 291 -3.56 -17.41 7.64
N LYS B 292 -4.72 -17.57 7.00
CA LYS B 292 -5.36 -16.59 6.07
C LYS B 292 -6.28 -15.65 6.86
N TRP B 293 -5.88 -14.38 7.05
CA TRP B 293 -6.66 -13.36 7.81
C TRP B 293 -7.76 -12.74 6.93
PA NAP C . -5.11 7.26 22.18
O1A NAP C . -5.73 5.89 22.28
O2A NAP C . -3.67 7.47 22.62
O5B NAP C . -6.06 8.18 22.99
C5B NAP C . -7.48 8.17 22.94
C4B NAP C . -8.11 9.31 23.71
O4B NAP C . -9.56 9.06 23.76
C3B NAP C . -7.64 9.39 25.12
O3B NAP C . -7.80 10.69 25.56
C2B NAP C . -8.65 8.50 25.86
O2B NAP C . -8.73 8.74 27.28
C1B NAP C . -9.91 8.90 25.14
N9A NAP C . -10.96 7.89 25.29
C8A NAP C . -11.00 6.66 24.78
N7A NAP C . -12.12 6.02 25.17
C5A NAP C . -12.76 6.86 25.94
C6A NAP C . -14.01 6.81 26.67
N6A NAP C . -14.72 5.67 26.56
N1A NAP C . -14.35 7.91 27.32
C2A NAP C . -13.62 9.02 27.40
N3A NAP C . -12.43 9.14 26.75
C4A NAP C . -11.99 8.10 26.06
O3 NAP C . -5.38 7.78 20.66
PN NAP C . -4.67 9.05 20.00
O1N NAP C . -3.53 8.51 19.21
O2N NAP C . -4.48 10.14 20.92
O5D NAP C . -5.90 9.38 19.05
C5D NAP C . -6.76 10.51 19.16
C4D NAP C . -7.28 10.84 17.78
O4D NAP C . -6.18 11.30 17.01
C3D NAP C . -7.85 9.67 17.00
O3D NAP C . -9.12 10.02 16.44
C2D NAP C . -6.82 9.35 15.97
O2D NAP C . -7.33 8.73 14.78
C1D NAP C . -6.14 10.69 15.71
N1N NAP C . -4.79 10.53 15.17
C2N NAP C . -3.85 9.83 15.85
C3N NAP C . -2.60 9.63 15.30
C7N NAP C . -1.54 8.88 16.02
O7N NAP C . -0.59 8.51 15.36
N7N NAP C . -1.66 8.65 17.31
C4N NAP C . -2.27 10.21 14.09
C5N NAP C . -3.24 10.93 13.38
C6N NAP C . -4.50 11.07 13.95
P2B NAP C . -7.70 7.97 28.32
O1X NAP C . -6.36 8.64 28.26
O2X NAP C . -8.47 8.10 29.63
O3X NAP C . -7.59 6.53 27.84
C TRS D . 15.49 -11.54 11.66
C1 TRS D . 15.48 -12.84 10.85
C2 TRS D . 14.07 -11.04 11.94
C3 TRS D . 16.21 -11.72 13.00
N TRS D . 16.23 -10.46 10.90
O1 TRS D . 15.38 -12.66 9.43
O2 TRS D . 13.07 -11.97 11.54
O3 TRS D . 15.29 -11.87 14.08
C1 PEG E . -21.32 25.78 14.97
O1 PEG E . -21.56 24.78 13.99
C2 PEG E . -22.08 27.01 14.75
O2 PEG E . -22.05 27.41 13.37
C3 PEG E . -22.53 28.73 13.14
C4 PEG E . -23.52 29.16 14.19
O4 PEG E . -24.36 30.22 13.77
CAD A1D7O F . 1.92 -6.65 -12.47
CAA A1D7O F . 2.22 -5.17 -12.62
CAN A1D7O F . 3.72 -4.94 -12.46
CAO A1D7O F . 3.98 -3.52 -11.99
C A1D7O F . 4.37 -5.82 -11.57
O A1D7O F . 5.49 -5.53 -11.19
CA A1D7O F . 3.81 -7.02 -11.13
N A1D7O F . 2.39 -6.94 -11.16
CAG A1D7O F . 1.75 -8.18 -10.60
CAH A1D7O F . 1.01 -7.89 -9.42
CAI A1D7O F . 0.98 -8.84 -8.38
CAJ A1D7O F . 0.28 -8.59 -7.21
CAK A1D7O F . -0.41 -7.39 -7.02
CAL A1D7O F . -0.41 -6.45 -8.04
CAM A1D7O F . 0.30 -6.70 -9.22
CAD A1D7O G . -1.90 -0.40 -13.66
CAA A1D7O G . -2.08 -1.90 -13.18
CAN A1D7O G . -0.96 -2.14 -12.13
CAO A1D7O G . -0.95 -3.63 -11.74
C A1D7O G . 0.30 -1.72 -12.61
O A1D7O G . 1.21 -2.53 -12.75
CA A1D7O G . 0.50 -0.39 -13.00
N A1D7O G . -0.49 -0.19 -14.06
CAG A1D7O G . -0.41 1.27 -14.40
CAH A1D7O G . 0.71 1.67 -15.21
CAI A1D7O G . 1.85 2.26 -14.64
CAJ A1D7O G . 2.94 2.66 -15.42
CAK A1D7O G . 2.89 2.46 -16.80
CAL A1D7O G . 1.74 1.88 -17.38
CAM A1D7O G . 0.65 1.48 -16.58
PA NAP H . -0.59 -12.84 -19.86
O1A NAP H . -1.80 -13.44 -19.18
O2A NAP H . -0.64 -11.67 -20.80
O5B NAP H . 0.05 -14.04 -20.60
C5B NAP H . 0.24 -15.34 -20.06
C4B NAP H . 1.10 -16.21 -20.97
O4B NAP H . 1.01 -17.57 -20.46
C3B NAP H . 0.62 -16.27 -22.39
O3B NAP H . 1.71 -16.63 -23.24
C2B NAP H . -0.39 -17.41 -22.36
O2B NAP H . -0.62 -18.03 -23.64
C1B NAP H . 0.38 -18.36 -21.50
N9A NAP H . -0.51 -19.36 -20.94
C8A NAP H . -1.48 -19.19 -20.03
N7A NAP H . -2.07 -20.37 -19.73
C5A NAP H . -1.46 -21.30 -20.52
C6A NAP H . -1.59 -22.75 -20.73
N6A NAP H . -2.49 -23.40 -20.00
N1A NAP H . -0.76 -23.34 -21.58
C2A NAP H . 0.15 -22.67 -22.28
N3A NAP H . 0.32 -21.33 -22.15
C4A NAP H . -0.43 -20.64 -21.29
O3 NAP H . 0.42 -12.56 -18.66
PN NAP H . 1.80 -11.77 -18.72
O1N NAP H . 2.48 -11.99 -20.02
O2N NAP H . 1.49 -10.39 -18.30
O5D NAP H . 2.57 -12.51 -17.56
C5D NAP H . 3.68 -13.36 -17.80
C4D NAP H . 4.49 -13.45 -16.53
O4D NAP H . 5.09 -12.15 -16.33
C3D NAP H . 3.69 -13.73 -15.28
O3D NAP H . 4.31 -14.76 -14.49
C2D NAP H . 3.64 -12.38 -14.57
O2D NAP H . 3.46 -12.38 -13.17
C1D NAP H . 4.93 -11.71 -15.00
N1N NAP H . 4.83 -10.25 -14.96
C2N NAP H . 3.88 -9.60 -15.60
C3N NAP H . 3.72 -8.23 -15.49
C7N NAP H . 2.64 -7.50 -16.25
O7N NAP H . 2.06 -7.97 -17.26
N7N NAP H . 2.43 -6.30 -15.83
C4N NAP H . 4.66 -7.54 -14.71
C5N NAP H . 5.68 -8.23 -14.07
C6N NAP H . 5.78 -9.58 -14.24
P2B NAP H . -1.78 -17.44 -24.59
O1X NAP H . -2.02 -18.55 -25.57
O2X NAP H . -2.98 -17.18 -23.72
O3X NAP H . -1.26 -16.15 -25.22
C TRS I . -16.69 11.43 -10.44
C1 TRS I . -16.11 10.10 -10.94
C2 TRS I . -18.19 11.50 -10.73
C3 TRS I . -15.98 12.60 -11.09
N TRS I . -16.49 11.56 -8.93
O1 TRS I . -16.27 9.05 -10.01
O2 TRS I . -18.85 10.30 -10.37
O3 TRS I . -14.61 12.30 -11.38
CAD A1D7O J . -0.96 7.09 12.34
CAA A1D7O J . 0.03 7.85 11.56
CAN A1D7O J . -0.56 9.11 10.96
CAO A1D7O J . 0.27 9.43 9.78
C A1D7O J . -1.91 8.98 10.56
O A1D7O J . -2.34 9.60 9.58
CA A1D7O J . -2.78 8.19 11.25
N A1D7O J . -2.09 6.97 11.47
CAG A1D7O J . -3.06 6.10 12.19
CAH A1D7O J . -3.58 5.17 11.32
CAI A1D7O J . -4.95 5.10 11.09
CAJ A1D7O J . -5.44 4.12 10.19
CAK A1D7O J . -4.59 3.22 9.54
CAL A1D7O J . -3.24 3.30 9.79
CAM A1D7O J . -2.74 4.26 10.67
CAD A1D7O K . 4.49 3.37 13.03
CAA A1D7O K . 2.90 3.16 13.17
CAN A1D7O K . 2.25 3.86 11.92
CAO A1D7O K . 0.70 3.97 12.06
C A1D7O K . 2.80 5.12 11.72
O A1D7O K . 2.12 6.12 11.90
CA A1D7O K . 4.17 5.24 11.43
N A1D7O K . 4.78 4.78 12.68
CAG A1D7O K . 6.27 4.89 12.41
CAH A1D7O K . 6.80 6.22 12.57
CAI A1D7O K . 7.04 7.04 11.48
CAJ A1D7O K . 7.58 8.33 11.65
CAK A1D7O K . 7.92 8.80 12.91
CAL A1D7O K . 7.68 7.98 14.02
CAM A1D7O K . 7.14 6.70 13.85
#